data_4G3O
# 
_entry.id   4G3O 
# 
_audit_conform.dict_name       mmcif_pdbx.dic 
_audit_conform.dict_version    5.379 
_audit_conform.dict_location   http://mmcif.pdb.org/dictionaries/ascii/mmcif_pdbx.dic 
# 
loop_
_database_2.database_id 
_database_2.database_code 
_database_2.pdbx_database_accession 
_database_2.pdbx_DOI 
PDB   4G3O         pdb_00004g3o 10.2210/pdb4g3o/pdb 
RCSB  RCSB073697   ?            ?                   
WWPDB D_1000073697 ?            ?                   
# 
_pdbx_database_status.status_code                     REL 
_pdbx_database_status.entry_id                        4G3O 
_pdbx_database_status.recvd_initial_deposition_date   2012-07-15 
_pdbx_database_status.deposit_site                    RCSB 
_pdbx_database_status.process_site                    RCSB 
_pdbx_database_status.status_code_sf                  REL 
_pdbx_database_status.status_code_mr                  ? 
_pdbx_database_status.SG_entry                        ? 
_pdbx_database_status.status_code_cs                  ? 
_pdbx_database_status.methods_development_category    ? 
_pdbx_database_status.pdb_format_compatible           Y 
_pdbx_database_status.status_code_nmr_data            ? 
# 
loop_
_audit_author.name 
_audit_author.pdbx_ordinal 
'Kozlov, G.'  1 
'LePage, K.'  2 
'Gehring, K.' 3 
# 
_citation.id                        primary 
_citation.title                     'Crystal structure of the CUE domain of the E3 ubiquitin ligase AMFR (gp78)' 
_citation.journal_abbrev            'To be Published' 
_citation.journal_volume            ? 
_citation.page_first                ? 
_citation.page_last                 ? 
_citation.year                      ? 
_citation.journal_id_ASTM           ? 
_citation.country                   ? 
_citation.journal_id_ISSN           ? 
_citation.journal_id_CSD            0353 
_citation.book_publisher            ? 
_citation.pdbx_database_id_PubMed   ? 
_citation.pdbx_database_id_DOI      ? 
# 
loop_
_citation_author.citation_id 
_citation_author.name 
_citation_author.ordinal 
_citation_author.identifier_ORCID 
primary 'Kozlov, G.'  1 ? 
primary 'LePage, K.'  2 ? 
primary 'Gehring, K.' 3 ? 
# 
_cell.entry_id           4G3O 
_cell.length_a           55.396 
_cell.length_b           55.396 
_cell.length_c           30.993 
_cell.angle_alpha        90.00 
_cell.angle_beta         90.00 
_cell.angle_gamma        120.00 
_cell.Z_PDB              6 
_cell.pdbx_unique_axis   ? 
_cell.length_a_esd       ? 
_cell.length_b_esd       ? 
_cell.length_c_esd       ? 
_cell.angle_alpha_esd    ? 
_cell.angle_beta_esd     ? 
_cell.angle_gamma_esd    ? 
# 
_symmetry.entry_id                         4G3O 
_symmetry.space_group_name_H-M             'P 65' 
_symmetry.pdbx_full_space_group_name_H-M   ? 
_symmetry.cell_setting                     ? 
_symmetry.Int_Tables_number                170 
_symmetry.space_group_name_Hall            ? 
# 
loop_
_entity.id 
_entity.type 
_entity.src_method 
_entity.pdbx_description 
_entity.formula_weight 
_entity.pdbx_number_of_molecules 
_entity.pdbx_ec 
_entity.pdbx_mutation 
_entity.pdbx_fragment 
_entity.details 
1 polymer man 'E3 ubiquitin-protein ligase AMFR' 6657.504 1  6.3.2.- ? 'CUE domain (unp residues 456-498)' ? 
2 water   nat water                              18.015   53 ?       ? ?                                   ? 
# 
_entity_name_com.entity_id   1 
_entity_name_com.name        'Autocrine motility factor receptor, isoform 2, AMF receptor, isoform 2, RING finger protein 45, gp78' 
# 
_entity_poly.entity_id                      1 
_entity_poly.type                           'polypeptide(L)' 
_entity_poly.nstd_linkage                   no 
_entity_poly.nstd_monomer                   no 
_entity_poly.pdbx_seq_one_letter_code       GSMGYRGSENLYFQGQLNAMAHQIQEMFPQVPYHLVLQDLQLTRSVEITTDNILEGRI 
_entity_poly.pdbx_seq_one_letter_code_can   GSMGYRGSENLYFQGQLNAMAHQIQEMFPQVPYHLVLQDLQLTRSVEITTDNILEGRI 
_entity_poly.pdbx_strand_id                 A 
_entity_poly.pdbx_target_identifier         ? 
# 
loop_
_entity_poly_seq.entity_id 
_entity_poly_seq.num 
_entity_poly_seq.mon_id 
_entity_poly_seq.hetero 
1 1  GLY n 
1 2  SER n 
1 3  MET n 
1 4  GLY n 
1 5  TYR n 
1 6  ARG n 
1 7  GLY n 
1 8  SER n 
1 9  GLU n 
1 10 ASN n 
1 11 LEU n 
1 12 TYR n 
1 13 PHE n 
1 14 GLN n 
1 15 GLY n 
1 16 GLN n 
1 17 LEU n 
1 18 ASN n 
1 19 ALA n 
1 20 MET n 
1 21 ALA n 
1 22 HIS n 
1 23 GLN n 
1 24 ILE n 
1 25 GLN n 
1 26 GLU n 
1 27 MET n 
1 28 PHE n 
1 29 PRO n 
1 30 GLN n 
1 31 VAL n 
1 32 PRO n 
1 33 TYR n 
1 34 HIS n 
1 35 LEU n 
1 36 VAL n 
1 37 LEU n 
1 38 GLN n 
1 39 ASP n 
1 40 LEU n 
1 41 GLN n 
1 42 LEU n 
1 43 THR n 
1 44 ARG n 
1 45 SER n 
1 46 VAL n 
1 47 GLU n 
1 48 ILE n 
1 49 THR n 
1 50 THR n 
1 51 ASP n 
1 52 ASN n 
1 53 ILE n 
1 54 LEU n 
1 55 GLU n 
1 56 GLY n 
1 57 ARG n 
1 58 ILE n 
# 
_entity_src_gen.entity_id                          1 
_entity_src_gen.pdbx_src_id                        1 
_entity_src_gen.pdbx_alt_source_flag               sample 
_entity_src_gen.pdbx_seq_type                      ? 
_entity_src_gen.pdbx_beg_seq_num                   ? 
_entity_src_gen.pdbx_end_seq_num                   ? 
_entity_src_gen.gene_src_common_name               human 
_entity_src_gen.gene_src_genus                     ? 
_entity_src_gen.pdbx_gene_src_gene                 'AMFR, RNF45' 
_entity_src_gen.gene_src_species                   ? 
_entity_src_gen.gene_src_strain                    ? 
_entity_src_gen.gene_src_tissue                    ? 
_entity_src_gen.gene_src_tissue_fraction           ? 
_entity_src_gen.gene_src_details                   ? 
_entity_src_gen.pdbx_gene_src_fragment             ? 
_entity_src_gen.pdbx_gene_src_scientific_name      'Homo sapiens' 
_entity_src_gen.pdbx_gene_src_ncbi_taxonomy_id     9606 
_entity_src_gen.pdbx_gene_src_variant              ? 
_entity_src_gen.pdbx_gene_src_cell_line            ? 
_entity_src_gen.pdbx_gene_src_atcc                 ? 
_entity_src_gen.pdbx_gene_src_organ                ? 
_entity_src_gen.pdbx_gene_src_organelle            ? 
_entity_src_gen.pdbx_gene_src_cell                 ? 
_entity_src_gen.pdbx_gene_src_cellular_location    ? 
_entity_src_gen.host_org_common_name               ? 
_entity_src_gen.pdbx_host_org_scientific_name      'Escherichia coli' 
_entity_src_gen.pdbx_host_org_ncbi_taxonomy_id     511693 
_entity_src_gen.host_org_genus                     ? 
_entity_src_gen.pdbx_host_org_gene                 ? 
_entity_src_gen.pdbx_host_org_organ                ? 
_entity_src_gen.host_org_species                   ? 
_entity_src_gen.pdbx_host_org_tissue               ? 
_entity_src_gen.pdbx_host_org_tissue_fraction      ? 
_entity_src_gen.pdbx_host_org_strain               BL21 
_entity_src_gen.pdbx_host_org_variant              ? 
_entity_src_gen.pdbx_host_org_cell_line            ? 
_entity_src_gen.pdbx_host_org_atcc                 ? 
_entity_src_gen.pdbx_host_org_culture_collection   ? 
_entity_src_gen.pdbx_host_org_cell                 ? 
_entity_src_gen.pdbx_host_org_organelle            ? 
_entity_src_gen.pdbx_host_org_cellular_location    ? 
_entity_src_gen.pdbx_host_org_vector_type          plasmid 
_entity_src_gen.pdbx_host_org_vector               ? 
_entity_src_gen.host_org_details                   ? 
_entity_src_gen.expression_system_id               ? 
_entity_src_gen.plasmid_name                       pET42a 
_entity_src_gen.plasmid_details                    ? 
_entity_src_gen.pdbx_description                   ? 
# 
_struct_ref.id                         1 
_struct_ref.db_name                    UNP 
_struct_ref.db_code                    AMFR2_HUMAN 
_struct_ref.pdbx_db_accession          Q9UKV5 
_struct_ref.entity_id                  1 
_struct_ref.pdbx_seq_one_letter_code   QLNAMAHQIQEMFPQVPYHLVLQDLQLTRSVEITTDNILEGRI 
_struct_ref.pdbx_align_begin           456 
_struct_ref.pdbx_db_isoform            ? 
# 
_struct_ref_seq.align_id                      1 
_struct_ref_seq.ref_id                        1 
_struct_ref_seq.pdbx_PDB_id_code              4G3O 
_struct_ref_seq.pdbx_strand_id                A 
_struct_ref_seq.seq_align_beg                 16 
_struct_ref_seq.pdbx_seq_align_beg_ins_code   ? 
_struct_ref_seq.seq_align_end                 58 
_struct_ref_seq.pdbx_seq_align_end_ins_code   ? 
_struct_ref_seq.pdbx_db_accession             Q9UKV5 
_struct_ref_seq.db_align_beg                  456 
_struct_ref_seq.pdbx_db_align_beg_ins_code    ? 
_struct_ref_seq.db_align_end                  498 
_struct_ref_seq.pdbx_db_align_end_ins_code    ? 
_struct_ref_seq.pdbx_auth_seq_align_beg       456 
_struct_ref_seq.pdbx_auth_seq_align_end       498 
# 
loop_
_struct_ref_seq_dif.align_id 
_struct_ref_seq_dif.pdbx_pdb_id_code 
_struct_ref_seq_dif.mon_id 
_struct_ref_seq_dif.pdbx_pdb_strand_id 
_struct_ref_seq_dif.seq_num 
_struct_ref_seq_dif.pdbx_pdb_ins_code 
_struct_ref_seq_dif.pdbx_seq_db_name 
_struct_ref_seq_dif.pdbx_seq_db_accession_code 
_struct_ref_seq_dif.db_mon_id 
_struct_ref_seq_dif.pdbx_seq_db_seq_num 
_struct_ref_seq_dif.details 
_struct_ref_seq_dif.pdbx_auth_seq_num 
_struct_ref_seq_dif.pdbx_ordinal 
1 4G3O GLY A 1  ? UNP Q9UKV5 ? ? 'expression tag' 441 1  
1 4G3O SER A 2  ? UNP Q9UKV5 ? ? 'expression tag' 442 2  
1 4G3O MET A 3  ? UNP Q9UKV5 ? ? 'expression tag' 443 3  
1 4G3O GLY A 4  ? UNP Q9UKV5 ? ? 'expression tag' 444 4  
1 4G3O TYR A 5  ? UNP Q9UKV5 ? ? 'expression tag' 445 5  
1 4G3O ARG A 6  ? UNP Q9UKV5 ? ? 'expression tag' 446 6  
1 4G3O GLY A 7  ? UNP Q9UKV5 ? ? 'expression tag' 447 7  
1 4G3O SER A 8  ? UNP Q9UKV5 ? ? 'expression tag' 448 8  
1 4G3O GLU A 9  ? UNP Q9UKV5 ? ? 'expression tag' 449 9  
1 4G3O ASN A 10 ? UNP Q9UKV5 ? ? 'expression tag' 450 10 
1 4G3O LEU A 11 ? UNP Q9UKV5 ? ? 'expression tag' 451 11 
1 4G3O TYR A 12 ? UNP Q9UKV5 ? ? 'expression tag' 452 12 
1 4G3O PHE A 13 ? UNP Q9UKV5 ? ? 'expression tag' 453 13 
1 4G3O GLN A 14 ? UNP Q9UKV5 ? ? 'expression tag' 454 14 
1 4G3O GLY A 15 ? UNP Q9UKV5 ? ? 'expression tag' 455 15 
# 
loop_
_chem_comp.id 
_chem_comp.type 
_chem_comp.mon_nstd_flag 
_chem_comp.name 
_chem_comp.pdbx_synonyms 
_chem_comp.formula 
_chem_comp.formula_weight 
ALA 'L-peptide linking' y ALANINE         ? 'C3 H7 N O2'     89.093  
ARG 'L-peptide linking' y ARGININE        ? 'C6 H15 N4 O2 1' 175.209 
ASN 'L-peptide linking' y ASPARAGINE      ? 'C4 H8 N2 O3'    132.118 
ASP 'L-peptide linking' y 'ASPARTIC ACID' ? 'C4 H7 N O4'     133.103 
GLN 'L-peptide linking' y GLUTAMINE       ? 'C5 H10 N2 O3'   146.144 
GLU 'L-peptide linking' y 'GLUTAMIC ACID' ? 'C5 H9 N O4'     147.129 
GLY 'peptide linking'   y GLYCINE         ? 'C2 H5 N O2'     75.067  
HIS 'L-peptide linking' y HISTIDINE       ? 'C6 H10 N3 O2 1' 156.162 
HOH non-polymer         . WATER           ? 'H2 O'           18.015  
ILE 'L-peptide linking' y ISOLEUCINE      ? 'C6 H13 N O2'    131.173 
LEU 'L-peptide linking' y LEUCINE         ? 'C6 H13 N O2'    131.173 
MET 'L-peptide linking' y METHIONINE      ? 'C5 H11 N O2 S'  149.211 
PHE 'L-peptide linking' y PHENYLALANINE   ? 'C9 H11 N O2'    165.189 
PRO 'L-peptide linking' y PROLINE         ? 'C5 H9 N O2'     115.130 
SER 'L-peptide linking' y SERINE          ? 'C3 H7 N O3'     105.093 
THR 'L-peptide linking' y THREONINE       ? 'C4 H9 N O3'     119.119 
TYR 'L-peptide linking' y TYROSINE        ? 'C9 H11 N O3'    181.189 
VAL 'L-peptide linking' y VALINE          ? 'C5 H11 N O2'    117.146 
# 
_exptl.entry_id          4G3O 
_exptl.method            'X-RAY DIFFRACTION' 
_exptl.crystals_number   1 
# 
_exptl_crystal.id                    1 
_exptl_crystal.density_meas          ? 
_exptl_crystal.density_Matthews      2.06 
_exptl_crystal.density_percent_sol   40.35 
_exptl_crystal.description           ? 
_exptl_crystal.F_000                 ? 
_exptl_crystal.preparation           ? 
# 
_exptl_crystal_grow.crystal_id      1 
_exptl_crystal_grow.method          'VAPOR DIFFUSION, HANGING DROP' 
_exptl_crystal_grow.temp            294 
_exptl_crystal_grow.temp_details    ? 
_exptl_crystal_grow.pH              8.0 
_exptl_crystal_grow.pdbx_details    
'0.056 M sodium phosphate, 1.344 M potassium phosphate, pH 8.0, VAPOR DIFFUSION, HANGING DROP, temperature 294K' 
_exptl_crystal_grow.pdbx_pH_range   ? 
# 
_diffrn.id                     1 
_diffrn.ambient_temp           100 
_diffrn.ambient_temp_details   ? 
_diffrn.crystal_id             1 
# 
_diffrn_detector.diffrn_id              1 
_diffrn_detector.detector               CCD 
_diffrn_detector.type                   'ADSC QUANTUM 210' 
_diffrn_detector.pdbx_collection_date   2012-06-10 
_diffrn_detector.details                ? 
# 
_diffrn_radiation.diffrn_id                        1 
_diffrn_radiation.wavelength_id                    1 
_diffrn_radiation.pdbx_monochromatic_or_laue_m_l   M 
_diffrn_radiation.monochromator                    'Si 111 CHANNEL' 
_diffrn_radiation.pdbx_diffrn_protocol             'SINGLE WAVELENGTH' 
_diffrn_radiation.pdbx_scattering_type             x-ray 
# 
_diffrn_radiation_wavelength.id           1 
_diffrn_radiation_wavelength.wavelength   0.9183 
_diffrn_radiation_wavelength.wt           1.0 
# 
_diffrn_source.diffrn_id                   1 
_diffrn_source.source                      SYNCHROTRON 
_diffrn_source.type                        'CHESS BEAMLINE F1' 
_diffrn_source.pdbx_synchrotron_site       CHESS 
_diffrn_source.pdbx_synchrotron_beamline   F1 
_diffrn_source.pdbx_wavelength             ? 
_diffrn_source.pdbx_wavelength_list        0.9183 
# 
_reflns.entry_id                     4G3O 
_reflns.observed_criterion_sigma_I   1 
_reflns.observed_criterion_sigma_F   1 
_reflns.d_resolution_low             50 
_reflns.d_resolution_high            1.60 
_reflns.number_obs                   6929 
_reflns.number_all                   6932 
_reflns.percent_possible_obs         0.9996 
_reflns.pdbx_Rmerge_I_obs            ? 
_reflns.pdbx_Rsym_value              0.075 
_reflns.pdbx_netI_over_sigmaI        55.2 
_reflns.B_iso_Wilson_estimate        ? 
_reflns.pdbx_redundancy              11.1 
_reflns.R_free_details               ? 
_reflns.limit_h_max                  ? 
_reflns.limit_h_min                  ? 
_reflns.limit_k_max                  ? 
_reflns.limit_k_min                  ? 
_reflns.limit_l_max                  ? 
_reflns.limit_l_min                  ? 
_reflns.observed_criterion_F_max     ? 
_reflns.observed_criterion_F_min     ? 
_reflns.pdbx_chi_squared             ? 
_reflns.pdbx_scaling_rejects         ? 
_reflns.pdbx_ordinal                 1 
_reflns.pdbx_diffrn_id               1 
# 
_reflns_shell.d_res_high             1.60 
_reflns_shell.d_res_low              1.63 
_reflns_shell.percent_possible_all   100 
_reflns_shell.Rmerge_I_obs           ? 
_reflns_shell.pdbx_Rsym_value        0.440 
_reflns_shell.meanI_over_sigI_obs    8.1 
_reflns_shell.pdbx_redundancy        11.0 
_reflns_shell.percent_possible_obs   ? 
_reflns_shell.number_unique_all      503 
_reflns_shell.number_measured_all    ? 
_reflns_shell.number_measured_obs    ? 
_reflns_shell.number_unique_obs      ? 
_reflns_shell.pdbx_chi_squared       ? 
_reflns_shell.pdbx_ordinal           1 
_reflns_shell.pdbx_diffrn_id         1 
# 
_refine.entry_id                                 4G3O 
_refine.ls_number_reflns_obs                     6929 
_refine.ls_number_reflns_all                     6932 
_refine.pdbx_ls_sigma_I                          ? 
_refine.pdbx_ls_sigma_F                          1 
_refine.pdbx_data_cutoff_high_absF               ? 
_refine.pdbx_data_cutoff_low_absF                ? 
_refine.pdbx_data_cutoff_high_rms_absF           ? 
_refine.ls_d_res_low                             48.00 
_refine.ls_d_res_high                            1.60 
_refine.ls_percent_reflns_obs                    99.96 
_refine.ls_R_factor_obs                          0.16001 
_refine.ls_R_factor_all                          0.161 
_refine.ls_R_factor_R_work                       0.15872 
_refine.ls_R_factor_R_free                       0.18626 
_refine.ls_R_factor_R_free_error                 ? 
_refine.ls_R_factor_R_free_error_details         ? 
_refine.ls_percent_reflns_R_free                 4.7 
_refine.ls_number_reflns_R_free                  339 
_refine.ls_number_parameters                     ? 
_refine.ls_number_restraints                     ? 
_refine.occupancy_min                            ? 
_refine.occupancy_max                            ? 
_refine.correlation_coeff_Fo_to_Fc               0.969 
_refine.correlation_coeff_Fo_to_Fc_free          0.963 
_refine.B_iso_mean                               23.977 
_refine.aniso_B[1][1]                            -0.43 
_refine.aniso_B[2][2]                            -0.43 
_refine.aniso_B[3][3]                            0.64 
_refine.aniso_B[1][2]                            -0.21 
_refine.aniso_B[1][3]                            0.00 
_refine.aniso_B[2][3]                            0.00 
_refine.solvent_model_details                    'BABINET MODEL WITH MASK' 
_refine.solvent_model_param_ksol                 ? 
_refine.solvent_model_param_bsol                 ? 
_refine.pdbx_solvent_vdw_probe_radii             1.20 
_refine.pdbx_solvent_ion_probe_radii             0.80 
_refine.pdbx_solvent_shrinkage_radii             0.80 
_refine.pdbx_ls_cross_valid_method               THROUGHOUT 
_refine.details                                  ? 
_refine.pdbx_starting_model                      2ejs 
_refine.pdbx_method_to_determine_struct          'MOLECULAR REPLACEMENT' 
_refine.pdbx_isotropic_thermal_model             ? 
_refine.pdbx_stereochemistry_target_values       'MAXIMUM LIKELIHOOD' 
_refine.pdbx_stereochem_target_val_spec_case     ? 
_refine.pdbx_R_Free_selection_details            RANDOM 
_refine.pdbx_overall_ESU_R                       0.081 
_refine.pdbx_overall_ESU_R_Free                  0.080 
_refine.overall_SU_ML                            0.044 
_refine.pdbx_overall_phase_error                 ? 
_refine.overall_SU_B                             2.361 
_refine.overall_SU_R_Cruickshank_DPI             ? 
_refine.ls_redundancy_reflns_obs                 ? 
_refine.B_iso_min                                ? 
_refine.B_iso_max                                ? 
_refine.overall_SU_R_free                        ? 
_refine.ls_wR_factor_R_free                      ? 
_refine.ls_wR_factor_R_work                      ? 
_refine.overall_FOM_free_R_set                   ? 
_refine.overall_FOM_work_R_set                   ? 
_refine.pdbx_diffrn_id                           1 
_refine.pdbx_refine_id                           'X-RAY DIFFRACTION' 
_refine.pdbx_TLS_residual_ADP_flag               ? 
_refine.pdbx_overall_SU_R_free_Cruickshank_DPI   ? 
_refine.pdbx_overall_SU_R_Blow_DPI               ? 
_refine.pdbx_overall_SU_R_free_Blow_DPI          ? 
# 
_refine_hist.pdbx_refine_id                   'X-RAY DIFFRACTION' 
_refine_hist.cycle_id                         LAST 
_refine_hist.pdbx_number_atoms_protein        432 
_refine_hist.pdbx_number_atoms_nucleic_acid   0 
_refine_hist.pdbx_number_atoms_ligand         0 
_refine_hist.number_atoms_solvent             53 
_refine_hist.number_atoms_total               485 
_refine_hist.d_res_high                       1.60 
_refine_hist.d_res_low                        48.00 
# 
loop_
_refine_ls_restr.type 
_refine_ls_restr.dev_ideal 
_refine_ls_restr.dev_ideal_target 
_refine_ls_restr.weight 
_refine_ls_restr.number 
_refine_ls_restr.pdbx_restraint_function 
_refine_ls_restr.pdbx_refine_id 
r_bond_refined_d         0.008  0.022  ? 439 ? 'X-RAY DIFFRACTION' 
r_angle_refined_deg      1.090  1.957  ? 595 ? 'X-RAY DIFFRACTION' 
r_dihedral_angle_1_deg   3.720  5.000  ? 52  ? 'X-RAY DIFFRACTION' 
r_dihedral_angle_2_deg   38.197 25.200 ? 25  ? 'X-RAY DIFFRACTION' 
r_dihedral_angle_3_deg   15.903 15.000 ? 77  ? 'X-RAY DIFFRACTION' 
r_dihedral_angle_4_deg   15.325 15.000 ? 3   ? 'X-RAY DIFFRACTION' 
r_chiral_restr           0.079  0.200  ? 67  ? 'X-RAY DIFFRACTION' 
r_gen_planes_refined     0.004  0.020  ? 341 ? 'X-RAY DIFFRACTION' 
r_nbd_refined            0.196  0.200  ? 211 ? 'X-RAY DIFFRACTION' 
r_nbtor_refined          0.309  0.200  ? 308 ? 'X-RAY DIFFRACTION' 
r_xyhbond_nbd_refined    0.097  0.200  ? 33  ? 'X-RAY DIFFRACTION' 
r_symmetry_vdw_refined   0.127  0.200  ? 25  ? 'X-RAY DIFFRACTION' 
r_symmetry_hbond_refined 0.093  0.200  ? 10  ? 'X-RAY DIFFRACTION' 
r_mcbond_it              0.662  1.500  ? 271 ? 'X-RAY DIFFRACTION' 
r_mcangle_it             1.035  2.000  ? 427 ? 'X-RAY DIFFRACTION' 
r_scbond_it              1.837  3.000  ? 183 ? 'X-RAY DIFFRACTION' 
r_scangle_it             2.971  4.500  ? 168 ? 'X-RAY DIFFRACTION' 
# 
_refine_ls_shell.pdbx_total_number_of_bins_used   20 
_refine_ls_shell.d_res_high                       1.602 
_refine_ls_shell.d_res_low                        1.643 
_refine_ls_shell.number_reflns_R_work             503 
_refine_ls_shell.R_factor_R_work                  0.158 
_refine_ls_shell.percent_reflns_obs               100.00 
_refine_ls_shell.R_factor_R_free                  0.172 
_refine_ls_shell.R_factor_R_free_error            ? 
_refine_ls_shell.percent_reflns_R_free            ? 
_refine_ls_shell.number_reflns_R_free             30 
_refine_ls_shell.number_reflns_all                ? 
_refine_ls_shell.R_factor_all                     ? 
_refine_ls_shell.number_reflns_obs                ? 
_refine_ls_shell.redundancy_reflns_obs            ? 
_refine_ls_shell.pdbx_refine_id                   'X-RAY DIFFRACTION' 
# 
_struct.entry_id                  4G3O 
_struct.title                     'Crystal structure of the CUE domain of the E3 ubiquitin ligase AMFR (gp78)' 
_struct.pdbx_model_details        ? 
_struct.pdbx_CASP_flag            ? 
_struct.pdbx_model_type_details   ? 
# 
_struct_keywords.entry_id        4G3O 
_struct_keywords.pdbx_keywords   LIGASE 
_struct_keywords.text            'all-helical structure, ligase, BAG6' 
# 
loop_
_struct_asym.id 
_struct_asym.pdbx_blank_PDB_chainid_flag 
_struct_asym.pdbx_modified 
_struct_asym.entity_id 
_struct_asym.details 
A N N 1 ? 
B N N 2 ? 
# 
_struct_biol.id        1 
_struct_biol.details   ? 
# 
loop_
_struct_conf.conf_type_id 
_struct_conf.id 
_struct_conf.pdbx_PDB_helix_id 
_struct_conf.beg_label_comp_id 
_struct_conf.beg_label_asym_id 
_struct_conf.beg_label_seq_id 
_struct_conf.pdbx_beg_PDB_ins_code 
_struct_conf.end_label_comp_id 
_struct_conf.end_label_asym_id 
_struct_conf.end_label_seq_id 
_struct_conf.pdbx_end_PDB_ins_code 
_struct_conf.beg_auth_comp_id 
_struct_conf.beg_auth_asym_id 
_struct_conf.beg_auth_seq_id 
_struct_conf.end_auth_comp_id 
_struct_conf.end_auth_asym_id 
_struct_conf.end_auth_seq_id 
_struct_conf.pdbx_PDB_helix_class 
_struct_conf.details 
_struct_conf.pdbx_PDB_helix_length 
HELX_P HELX_P1 1 ARG A 6  ? PHE A 28 ? ARG A 446 PHE A 468 1 ? 23 
HELX_P HELX_P2 2 PRO A 32 ? ARG A 44 ? PRO A 472 ARG A 484 1 ? 13 
HELX_P HELX_P3 3 SER A 45 ? GLU A 55 ? SER A 485 GLU A 495 1 ? 11 
# 
_struct_conf_type.id          HELX_P 
_struct_conf_type.criteria    ? 
_struct_conf_type.reference   ? 
# 
_atom_sites.entry_id                    4G3O 
_atom_sites.fract_transf_matrix[1][1]   -0.01333539 
_atom_sites.fract_transf_matrix[1][2]   -0.01127066 
_atom_sites.fract_transf_matrix[1][3]   0.01138563 
_atom_sites.fract_transf_matrix[2][1]   0.00700919 
_atom_sites.fract_transf_matrix[2][2]   -0.01148713 
_atom_sites.fract_transf_matrix[2][3]   0.01591822 
_atom_sites.fract_transf_matrix[3][1]   -0.00416913 
_atom_sites.fract_transf_matrix[3][2]   0.02504531 
_atom_sites.fract_transf_matrix[3][3]   0.01990932 
_atom_sites.fract_transf_vector[1]      -0.113073 
_atom_sites.fract_transf_vector[2]      0.416235 
_atom_sites.fract_transf_vector[3]      0.000863 
# 
loop_
_atom_type.symbol 
C 
N 
O 
S 
# 
loop_
_atom_site.group_PDB 
_atom_site.id 
_atom_site.type_symbol 
_atom_site.label_atom_id 
_atom_site.label_alt_id 
_atom_site.label_comp_id 
_atom_site.label_asym_id 
_atom_site.label_entity_id 
_atom_site.label_seq_id 
_atom_site.pdbx_PDB_ins_code 
_atom_site.Cartn_x 
_atom_site.Cartn_y 
_atom_site.Cartn_z 
_atom_site.occupancy 
_atom_site.B_iso_or_equiv 
_atom_site.pdbx_formal_charge 
_atom_site.auth_seq_id 
_atom_site.auth_comp_id 
_atom_site.auth_asym_id 
_atom_site.auth_atom_id 
_atom_site.pdbx_PDB_model_num 
ATOM   1   N N   . ARG A 1 6  ? 14.752  -15.755 6.582   1.00 39.51 ? 446 ARG A N   1 
ATOM   2   C CA  . ARG A 1 6  ? 13.680  -15.235 5.691   1.00 37.54 ? 446 ARG A CA  1 
ATOM   3   C C   . ARG A 1 6  ? 12.586  -14.505 6.479   1.00 35.89 ? 446 ARG A C   1 
ATOM   4   O O   . ARG A 1 6  ? 12.094  -13.455 6.050   1.00 34.41 ? 446 ARG A O   1 
ATOM   5   C CB  . ARG A 1 6  ? 13.063  -16.387 4.886   1.00 37.72 ? 446 ARG A CB  1 
ATOM   6   C CG  . ARG A 1 6  ? 12.101  -15.927 3.818   1.00 36.54 ? 446 ARG A CG  1 
ATOM   7   C CD  . ARG A 1 6  ? 11.519  -17.079 3.026   1.00 36.44 ? 446 ARG A CD  1 
ATOM   8   N NE  . ARG A 1 6  ? 10.444  -17.761 3.745   1.00 35.99 ? 446 ARG A NE  1 
ATOM   9   C CZ  . ARG A 1 6  ? 9.722   -18.756 3.245   1.00 37.67 ? 446 ARG A CZ  1 
ATOM   10  N NH1 . ARG A 1 6  ? 9.955   -19.201 2.018   1.00 37.89 ? 446 ARG A NH1 1 
ATOM   11  N NH2 . ARG A 1 6  ? 8.766   -19.315 3.980   1.00 39.14 ? 446 ARG A NH2 1 
ATOM   12  N N   . GLY A 1 7  ? 12.212  -15.075 7.625   1.00 36.31 ? 447 GLY A N   1 
ATOM   13  C CA  . GLY A 1 7  ? 11.108  -14.566 8.439   1.00 35.09 ? 447 GLY A CA  1 
ATOM   14  C C   . GLY A 1 7  ? 11.305  -13.125 8.864   1.00 34.71 ? 447 GLY A C   1 
ATOM   15  O O   . GLY A 1 7  ? 10.392  -12.304 8.741   1.00 33.02 ? 447 GLY A O   1 
ATOM   16  N N   . SER A 1 8  ? 12.506  -12.821 9.353   1.00 36.38 ? 448 SER A N   1 
ATOM   17  C CA  . SER A 1 8  ? 12.857  -11.475 9.808   1.00 36.42 ? 448 SER A CA  1 
ATOM   18  C C   . SER A 1 8  ? 12.677  -10.422 8.715   1.00 34.85 ? 448 SER A C   1 
ATOM   19  O O   . SER A 1 8  ? 12.085  -9.365  8.959   1.00 34.30 ? 448 SER A O   1 
ATOM   20  C CB  . SER A 1 8  ? 14.292  -11.452 10.352  1.00 39.26 ? 448 SER A CB  1 
ATOM   21  N N   . GLU A 1 9  ? 13.181  -10.718 7.517   1.00 34.46 ? 449 GLU A N   1 
ATOM   22  C CA  . GLU A 1 9  ? 13.110  -9.786  6.389   1.00 33.13 ? 449 GLU A CA  1 
ATOM   23  C C   . GLU A 1 9  ? 11.663  -9.492  6.014   1.00 29.58 ? 449 GLU A C   1 
ATOM   24  O O   . GLU A 1 9  ? 11.310  -8.352  5.697   1.00 28.07 ? 449 GLU A O   1 
ATOM   25  C CB  . GLU A 1 9  ? 13.869  -10.336 5.179   1.00 34.71 ? 449 GLU A CB  1 
ATOM   26  C CG  . GLU A 1 9  ? 15.376  -10.498 5.391   1.00 40.52 ? 449 GLU A CG  1 
ATOM   27  C CD  . GLU A 1 9  ? 16.132  -9.177  5.393   1.00 45.29 ? 449 GLU A CD  1 
ATOM   28  O OE1 . GLU A 1 9  ? 17.265  -9.147  5.925   1.00 50.71 ? 449 GLU A OE1 1 
ATOM   29  O OE2 . GLU A 1 9  ? 15.604  -8.176  4.859   1.00 46.31 ? 449 GLU A OE2 1 
ATOM   30  N N   . ASN A 1 10 ? 10.828  -10.522 6.082   1.00 27.59 ? 450 ASN A N   1 
ATOM   31  C CA  . ASN A 1 10 ? 9.417   -10.375 5.753   1.00 25.17 ? 450 ASN A CA  1 
ATOM   32  C C   . ASN A 1 10 ? 8.637   -9.579  6.787   1.00 24.96 ? 450 ASN A C   1 
ATOM   33  O O   . ASN A 1 10 ? 7.847   -8.702  6.435   1.00 23.93 ? 450 ASN A O   1 
ATOM   34  C CB  . ASN A 1 10 ? 8.792   -11.742 5.482   1.00 24.56 ? 450 ASN A CB  1 
ATOM   35  C CG  . ASN A 1 10 ? 9.106   -12.235 4.089   1.00 23.81 ? 450 ASN A CG  1 
ATOM   36  O OD1 . ASN A 1 10 ? 8.394   -11.912 3.142   1.00 23.39 ? 450 ASN A OD1 1 
ATOM   37  N ND2 . ASN A 1 10 ? 10.190  -12.992 3.951   1.00 23.85 ? 450 ASN A ND2 1 
ATOM   38  N N   . LEU A 1 11 ? 8.872   -9.859  8.069   1.00 26.25 ? 451 LEU A N   1 
ATOM   39  C CA  . LEU A 1 11 ? 8.221   -9.069  9.109   1.00 26.79 ? 451 LEU A CA  1 
ATOM   40  C C   . LEU A 1 11 ? 8.621   -7.595  9.041   1.00 26.88 ? 451 LEU A C   1 
ATOM   41  O O   . LEU A 1 11 ? 7.758   -6.726  9.159   1.00 26.36 ? 451 LEU A O   1 
ATOM   42  C CB  . LEU A 1 11 ? 8.469   -9.662  10.504  1.00 28.86 ? 451 LEU A CB  1 
ATOM   43  C CG  . LEU A 1 11 ? 7.839   -11.038 10.783  1.00 30.55 ? 451 LEU A CG  1 
ATOM   44  C CD1 . LEU A 1 11 ? 8.242   -11.560 12.157  1.00 32.63 ? 451 LEU A CD1 1 
ATOM   45  C CD2 . LEU A 1 11 ? 6.319   -11.021 10.638  1.00 30.04 ? 451 LEU A CD2 1 
ATOM   46  N N   . TYR A 1 12 ? 9.911   -7.314  8.822   1.00 27.93 ? 452 TYR A N   1 
ATOM   47  C CA  . TYR A 1 12 ? 10.370  -5.927  8.636   1.00 28.49 ? 452 TYR A CA  1 
ATOM   48  C C   . TYR A 1 12 ? 9.685   -5.300  7.425   1.00 26.09 ? 452 TYR A C   1 
ATOM   49  O O   . TYR A 1 12 ? 9.210   -4.153  7.479   1.00 25.16 ? 452 TYR A O   1 
ATOM   50  C CB  . TYR A 1 12 ? 11.898  -5.832  8.476   1.00 31.92 ? 452 TYR A CB  1 
ATOM   51  C CG  . TYR A 1 12 ? 12.396  -4.394  8.437   1.00 35.05 ? 452 TYR A CG  1 
ATOM   52  C CD1 . TYR A 1 12 ? 12.871  -3.768  9.589   1.00 39.46 ? 452 TYR A CD1 1 
ATOM   53  C CD2 . TYR A 1 12 ? 12.366  -3.652  7.251   1.00 36.86 ? 452 TYR A CD2 1 
ATOM   54  C CE1 . TYR A 1 12 ? 13.318  -2.440  9.559   1.00 41.61 ? 452 TYR A CE1 1 
ATOM   55  C CE2 . TYR A 1 12 ? 12.801  -2.337  7.211   1.00 37.30 ? 452 TYR A CE2 1 
ATOM   56  C CZ  . TYR A 1 12 ? 13.271  -1.733  8.362   1.00 39.51 ? 452 TYR A CZ  1 
ATOM   57  O OH  . TYR A 1 12 ? 13.708  -0.424  8.316   1.00 41.74 ? 452 TYR A OH  1 
ATOM   58  N N   . PHE A 1 13 ? 9.622   -6.064  6.337   1.00 24.94 ? 453 PHE A N   1 
ATOM   59  C CA  . PHE A 1 13 ? 9.005   -5.579  5.106   1.00 23.53 ? 453 PHE A CA  1 
ATOM   60  C C   . PHE A 1 13 ? 7.533   -5.234  5.318   1.00 22.30 ? 453 PHE A C   1 
ATOM   61  O O   . PHE A 1 13 ? 7.026   -4.259  4.765   1.00 22.16 ? 453 PHE A O   1 
ATOM   62  C CB  . PHE A 1 13 ? 9.155   -6.601  3.980   1.00 23.16 ? 453 PHE A CB  1 
ATOM   63  C CG  . PHE A 1 13 ? 8.518   -6.170  2.691   1.00 22.79 ? 453 PHE A CG  1 
ATOM   64  C CD1 . PHE A 1 13 ? 8.993   -5.061  2.002   1.00 23.87 ? 453 PHE A CD1 1 
ATOM   65  C CD2 . PHE A 1 13 ? 7.449   -6.880  2.163   1.00 21.76 ? 453 PHE A CD2 1 
ATOM   66  C CE1 . PHE A 1 13 ? 8.409   -4.666  0.802   1.00 23.50 ? 453 PHE A CE1 1 
ATOM   67  C CE2 . PHE A 1 13 ? 6.858   -6.489  0.967   1.00 22.50 ? 453 PHE A CE2 1 
ATOM   68  C CZ  . PHE A 1 13 ? 7.343   -5.380  0.285   1.00 22.90 ? 453 PHE A CZ  1 
ATOM   69  N N   . GLN A 1 14 ? 6.844   -6.036  6.121   1.00 22.22 ? 454 GLN A N   1 
ATOM   70  C CA  . GLN A 1 14 ? 5.447   -5.752  6.437   1.00 21.51 ? 454 GLN A CA  1 
ATOM   71  C C   . GLN A 1 14 ? 5.274   -4.410  7.151   1.00 21.44 ? 454 GLN A C   1 
ATOM   72  O O   . GLN A 1 14 ? 4.302   -3.702  6.906   1.00 20.80 ? 454 GLN A O   1 
ATOM   73  C CB  . GLN A 1 14 ? 4.824   -6.904  7.224   1.00 22.29 ? 454 GLN A CB  1 
ATOM   74  C CG  . GLN A 1 14 ? 4.576   -8.141  6.364   1.00 22.82 ? 454 GLN A CG  1 
ATOM   75  C CD  . GLN A 1 14 ? 3.634   -7.858  5.213   1.00 22.25 ? 454 GLN A CD  1 
ATOM   76  O OE1 . GLN A 1 14 ? 2.516   -7.383  5.428   1.00 24.40 ? 454 GLN A OE1 1 
ATOM   77  N NE2 . GLN A 1 14 ? 4.081   -8.132  3.981   1.00 21.73 ? 454 GLN A NE2 1 
ATOM   78  N N   . GLY A 1 15 ? 6.227   -4.060  8.011   1.00 22.03 ? 455 GLY A N   1 
ATOM   79  C CA  . GLY A 1 15 ? 6.246   -2.741  8.635   1.00 22.36 ? 455 GLY A CA  1 
ATOM   80  C C   . GLY A 1 15 ? 6.414   -1.645  7.590   1.00 21.82 ? 455 GLY A C   1 
ATOM   81  O O   . GLY A 1 15 ? 5.790   -0.578  7.675   1.00 20.90 ? 455 GLY A O   1 
ATOM   82  N N   . GLN A 1 16 ? 7.263   -1.906  6.596   1.00 21.88 ? 456 GLN A N   1 
ATOM   83  C CA  . GLN A 1 16 ? 7.481   -0.941  5.528   1.00 21.79 ? 456 GLN A CA  1 
ATOM   84  C C   . GLN A 1 16 ? 6.206   -0.745  4.705   1.00 20.04 ? 456 GLN A C   1 
ATOM   85  O O   . GLN A 1 16 ? 5.871   0.389   4.356   1.00 19.73 ? 456 GLN A O   1 
ATOM   86  C CB  . GLN A 1 16 ? 8.648   -1.368  4.618   1.00 23.29 ? 456 GLN A CB  1 
ATOM   87  C CG  . GLN A 1 16 ? 10.025  -1.338  5.284   1.00 27.05 ? 456 GLN A CG  1 
ATOM   88  C CD  . GLN A 1 16 ? 10.651  0.057   5.342   1.00 30.70 ? 456 GLN A CD  1 
ATOM   89  O OE1 . GLN A 1 16 ? 9.959   1.067   5.461   1.00 34.24 ? 456 GLN A OE1 1 
ATOM   90  N NE2 . GLN A 1 16 ? 11.974  0.108   5.270   1.00 34.88 ? 456 GLN A NE2 1 
ATOM   91  N N   . LEU A 1 17 ? 5.494   -1.840  4.408   1.00 18.91 ? 457 LEU A N   1 
ATOM   92  C CA  . LEU A 1 17 ? 4.235   -1.741  3.682   1.00 18.12 ? 457 LEU A CA  1 
ATOM   93  C C   . LEU A 1 17 ? 3.198   -0.941  4.437   1.00 17.54 ? 457 LEU A C   1 
ATOM   94  O O   . LEU A 1 17 ? 2.483   -0.134  3.826   1.00 17.26 ? 457 LEU A O   1 
ATOM   95  C CB  . LEU A 1 17 ? 3.661   -3.110  3.307   1.00 18.64 ? 457 LEU A CB  1 
ATOM   96  C CG  . LEU A 1 17 ? 4.395   -3.874  2.206   1.00 20.32 ? 457 LEU A CG  1 
ATOM   97  C CD1 . LEU A 1 17 ? 3.582   -5.107  1.907   1.00 20.13 ? 457 LEU A CD1 1 
ATOM   98  C CD2 . LEU A 1 17 ? 4.608   -3.066  0.919   1.00 20.07 ? 457 LEU A CD2 1 
ATOM   99  N N   . ASN A 1 18 ? 3.134   -1.142  5.760   1.00 17.58 ? 458 ASN A N   1 
ATOM   100 C CA  . ASN A 1 18 ? 2.209   -0.383  6.586   1.00 18.45 ? 458 ASN A CA  1 
ATOM   101 C C   . ASN A 1 18 ? 2.498   1.109   6.455   1.00 18.03 ? 458 ASN A C   1 
ATOM   102 O O   . ASN A 1 18 ? 1.577   1.907   6.279   1.00 18.17 ? 458 ASN A O   1 
ATOM   103 C CB  . ASN A 1 18 ? 2.289   -0.817  8.052   1.00 19.81 ? 458 ASN A CB  1 
ATOM   104 C CG  . ASN A 1 18 ? 1.752   -2.219  8.293   1.00 23.35 ? 458 ASN A CG  1 
ATOM   105 O OD1 . ASN A 1 18 ? 1.177   -2.849  7.413   1.00 27.05 ? 458 ASN A OD1 1 
ATOM   106 N ND2 . ASN A 1 18 ? 1.943   -2.710  9.518   1.00 26.42 ? 458 ASN A ND2 1 
ATOM   107 N N   . ALA A 1 19 ? 3.783   1.472   6.492   1.00 18.08 ? 459 ALA A N   1 
ATOM   108 C CA  . ALA A 1 19 ? 4.196   2.871   6.368   1.00 18.68 ? 459 ALA A CA  1 
ATOM   109 C C   . ALA A 1 19 ? 3.823   3.424   4.995   1.00 17.96 ? 459 ALA A C   1 
ATOM   110 O O   . ALA A 1 19 ? 3.371   4.572   4.870   1.00 19.61 ? 459 ALA A O   1 
ATOM   111 C CB  . ALA A 1 19 ? 5.704   2.995   6.596   1.00 19.93 ? 459 ALA A CB  1 
ATOM   112 N N   . MET A 1 20 ? 4.019   2.601   3.968   1.00 17.53 ? 460 MET A N   1 
ATOM   113 C CA  . MET A 1 20 ? 3.688   2.993   2.606   1.00 18.13 ? 460 MET A CA  1 
ATOM   114 C C   . MET A 1 20 ? 2.188   3.213   2.483   1.00 17.25 ? 460 MET A C   1 
ATOM   115 O O   . MET A 1 20 ? 1.740   4.149   1.816   1.00 17.31 ? 460 MET A O   1 
ATOM   116 C CB  . MET A 1 20 ? 4.177   1.919   1.633   1.00 18.11 ? 460 MET A CB  1 
ATOM   117 C CG  . MET A 1 20 ? 5.687   1.957   1.470   1.00 19.46 ? 460 MET A CG  1 
ATOM   118 S SD  . MET A 1 20 ? 6.390   0.397   0.938   1.00 22.87 ? 460 MET A SD  1 
ATOM   119 C CE  . MET A 1 20 ? 5.731   0.340   -0.711  1.00 21.39 ? 460 MET A CE  1 
ATOM   120 N N   . ALA A 1 21 ? 1.406   2.364   3.149   1.00 16.84 ? 461 ALA A N   1 
ATOM   121 C CA  . ALA A 1 21 ? -0.044  2.527   3.131   1.00 16.98 ? 461 ALA A CA  1 
ATOM   122 C C   . ALA A 1 21 ? -0.464  3.823   3.831   1.00 17.25 ? 461 ALA A C   1 
ATOM   123 O O   . ALA A 1 21 ? -1.376  4.524   3.353   1.00 17.85 ? 461 ALA A O   1 
ATOM   124 C CB  . ALA A 1 21 ? -0.732  1.300   3.751   1.00 17.31 ? 461 ALA A CB  1 
ATOM   125 N N   . HIS A 1 22 ? 0.195   4.156   4.939   1.00 17.25 ? 462 HIS A N   1 
ATOM   126 C CA  . HIS A 1 22 ? -0.071  5.432   5.594   1.00 18.35 ? 462 HIS A CA  1 
ATOM   127 C C   . HIS A 1 22 ? 0.221   6.611   4.674   1.00 18.89 ? 462 HIS A C   1 
ATOM   128 O O   . HIS A 1 22 ? -0.546  7.579   4.636   1.00 19.46 ? 462 HIS A O   1 
ATOM   129 C CB  . HIS A 1 22 ? 0.709   5.565   6.913   1.00 19.37 ? 462 HIS A CB  1 
ATOM   130 C CG  . HIS A 1 22 ? 0.204   4.666   7.994   1.00 19.77 ? 462 HIS A CG  1 
ATOM   131 N ND1 . HIS A 1 22 ? -1.089  4.727   8.461   1.00 18.83 ? 462 HIS A ND1 1 
ATOM   132 C CD2 . HIS A 1 22 ? 0.820   3.695   8.711   1.00 19.95 ? 462 HIS A CD2 1 
ATOM   133 C CE1 . HIS A 1 22 ? -1.255  3.822   9.411   1.00 19.41 ? 462 HIS A CE1 1 
ATOM   134 N NE2 . HIS A 1 22 ? -0.112  3.178   9.579   1.00 20.18 ? 462 HIS A NE2 1 
ATOM   135 N N   . GLN A 1 23 ? 1.312   6.537   3.918   1.00 20.16 ? 463 GLN A N   1 
ATOM   136 C CA  . GLN A 1 23 ? 1.659   7.651   3.041   1.00 22.02 ? 463 GLN A CA  1 
ATOM   137 C C   . GLN A 1 23 ? 0.655   7.799   1.894   1.00 20.68 ? 463 GLN A C   1 
ATOM   138 O O   . GLN A 1 23 ? 0.294   8.916   1.515   1.00 21.11 ? 463 GLN A O   1 
ATOM   139 C CB  . GLN A 1 23 ? 3.114   7.593   2.580   1.00 23.79 ? 463 GLN A CB  1 
ATOM   140 C CG  . GLN A 1 23 ? 3.529   6.501   1.660   1.00 27.56 ? 463 GLN A CG  1 
ATOM   141 C CD  . GLN A 1 23 ? 5.028   6.577   1.376   1.00 29.06 ? 463 GLN A CD  1 
ATOM   142 O OE1 . GLN A 1 23 ? 5.849   6.147   2.195   1.00 35.50 ? 463 GLN A OE1 1 
ATOM   143 N NE2 . GLN A 1 23 ? 5.386   7.155   0.231   1.00 33.47 ? 463 GLN A NE2 1 
ATOM   144 N N   . ILE A 1 24 ? 0.165   6.676   1.383   1.00 18.49 ? 464 ILE A N   1 
ATOM   145 C CA  . ILE A 1 24 ? -0.865  6.731   0.347   1.00 18.62 ? 464 ILE A CA  1 
ATOM   146 C C   . ILE A 1 24 ? -2.187  7.260   0.897   1.00 19.55 ? 464 ILE A C   1 
ATOM   147 O O   . ILE A 1 24 ? -2.848  8.081   0.247   1.00 20.78 ? 464 ILE A O   1 
ATOM   148 C CB  . ILE A 1 24 ? -1.058  5.359   -0.333  1.00 17.98 ? 464 ILE A CB  1 
ATOM   149 C CG1 . ILE A 1 24 ? 0.197   5.025   -1.131  1.00 18.43 ? 464 ILE A CG1 1 
ATOM   150 C CG2 . ILE A 1 24 ? -2.307  5.386   -1.240  1.00 18.98 ? 464 ILE A CG2 1 
ATOM   151 C CD1 . ILE A 1 24 ? 0.212   3.630   -1.715  1.00 19.89 ? 464 ILE A CD1 1 
ATOM   152 N N   . GLN A 1 25 ? -2.552  6.812   2.098   1.00 19.98 ? 465 GLN A N   1 
ATOM   153 C CA  . GLN A 1 25 ? -3.798  7.261   2.721   1.00 21.25 ? 465 GLN A CA  1 
ATOM   154 C C   . GLN A 1 25 ? -3.811  8.771   2.981   1.00 22.10 ? 465 GLN A C   1 
ATOM   155 O O   . GLN A 1 25 ? -4.871  9.409   2.902   1.00 23.50 ? 465 GLN A O   1 
ATOM   156 C CB  . GLN A 1 25 ? -4.096  6.482   4.002   1.00 21.76 ? 465 GLN A CB  1 
ATOM   157 C CG  . GLN A 1 25 ? -5.495  6.795   4.525   1.00 21.90 ? 465 GLN A CG  1 
ATOM   158 C CD  . GLN A 1 25 ? -5.796  6.128   5.820   1.00 22.63 ? 465 GLN A CD  1 
ATOM   159 O OE1 . GLN A 1 25 ? -6.942  5.749   6.074   1.00 25.68 ? 465 GLN A OE1 1 
ATOM   160 N NE2 . GLN A 1 25 ? -4.789  5.995   6.669   1.00 21.47 ? 465 GLN A NE2 1 
ATOM   161 N N   . GLU A 1 26 ? -2.646  9.349   3.277   1.00 27.69 ? 466 GLU A N   1 
ATOM   162 C CA  . GLU A 1 26 ? -2.525  10.803  3.402   1.00 29.78 ? 466 GLU A CA  1 
ATOM   163 C C   . GLU A 1 26 ? -3.022  11.508  2.139   1.00 29.49 ? 466 GLU A C   1 
ATOM   164 O O   . GLU A 1 26 ? -3.682  12.547  2.216   1.00 30.47 ? 466 GLU A O   1 
ATOM   165 C CB  . GLU A 1 26 ? -1.070  11.202  3.630   1.00 31.70 ? 466 GLU A CB  1 
ATOM   166 C CG  . GLU A 1 26 ? -0.629  11.263  5.067   1.00 36.53 ? 466 GLU A CG  1 
ATOM   167 C CD  . GLU A 1 26 ? 0.653   12.056  5.219   1.00 41.81 ? 466 GLU A CD  1 
ATOM   168 O OE1 . GLU A 1 26 ? 1.739   11.489  4.954   1.00 44.42 ? 466 GLU A OE1 1 
ATOM   169 O OE2 . GLU A 1 26 ? 0.571   13.248  5.592   1.00 46.37 ? 466 GLU A OE2 1 
ATOM   170 N N   . MET A 1 27 ? -2.688  10.933  0.984   1.00 27.77 ? 467 MET A N   1 
ATOM   171 C CA  . MET A 1 27 ? -3.060  11.494  -0.314  1.00 28.80 ? 467 MET A CA  1 
ATOM   172 C C   . MET A 1 27 ? -4.483  11.148  -0.730  1.00 26.65 ? 467 MET A C   1 
ATOM   173 O O   . MET A 1 27 ? -5.122  11.906  -1.467  1.00 26.83 ? 467 MET A O   1 
ATOM   174 C CB  . MET A 1 27 ? -2.100  10.996  -1.399  1.00 28.70 ? 467 MET A CB  1 
ATOM   175 C CG  . MET A 1 27 ? -1.259  12.047  -2.023  1.00 33.64 ? 467 MET A CG  1 
ATOM   176 S SD  . MET A 1 27 ? -0.127  11.243  -3.172  1.00 33.91 ? 467 MET A SD  1 
ATOM   177 C CE  . MET A 1 27 ? 1.417   11.440  -2.281  1.00 37.40 ? 467 MET A CE  1 
ATOM   178 N N   . PHE A 1 28 ? -4.960  9.994   -0.269  1.00 23.59 ? 468 PHE A N   1 
ATOM   179 C CA  . PHE A 1 28 ? -6.267  9.470   -0.659  1.00 22.70 ? 468 PHE A CA  1 
ATOM   180 C C   . PHE A 1 28 ? -7.075  9.063   0.570   1.00 22.09 ? 468 PHE A C   1 
ATOM   181 O O   . PHE A 1 28 ? -7.322  7.868   0.776   1.00 21.49 ? 468 PHE A O   1 
ATOM   182 C CB  . PHE A 1 28 ? -6.108  8.255   -1.576  1.00 21.58 ? 468 PHE A CB  1 
ATOM   183 C CG  . PHE A 1 28 ? -5.423  8.568   -2.877  1.00 21.27 ? 468 PHE A CG  1 
ATOM   184 C CD1 . PHE A 1 28 ? -6.132  9.135   -3.928  1.00 23.77 ? 468 PHE A CD1 1 
ATOM   185 C CD2 . PHE A 1 28 ? -4.070  8.307   -3.044  1.00 20.83 ? 468 PHE A CD2 1 
ATOM   186 C CE1 . PHE A 1 28 ? -5.500  9.428   -5.129  1.00 26.03 ? 468 PHE A CE1 1 
ATOM   187 C CE2 . PHE A 1 28 ? -3.429  8.592   -4.245  1.00 22.58 ? 468 PHE A CE2 1 
ATOM   188 C CZ  . PHE A 1 28 ? -4.149  9.158   -5.286  1.00 24.37 ? 468 PHE A CZ  1 
ATOM   189 N N   . PRO A 1 29 ? -7.507  10.050  1.379   1.00 23.60 ? 469 PRO A N   1 
ATOM   190 C CA  . PRO A 1 29 ? -8.209  9.691   2.617   1.00 23.33 ? 469 PRO A CA  1 
ATOM   191 C C   . PRO A 1 29 ? -9.575  9.034   2.388   1.00 23.35 ? 469 PRO A C   1 
ATOM   192 O O   . PRO A 1 29 ? -10.138 8.445   3.318   1.00 23.57 ? 469 PRO A O   1 
ATOM   193 C CB  . PRO A 1 29 ? -8.358  11.036  3.337   1.00 24.87 ? 469 PRO A CB  1 
ATOM   194 C CG  . PRO A 1 29 ? -8.334  12.053  2.234   1.00 25.82 ? 469 PRO A CG  1 
ATOM   195 C CD  . PRO A 1 29 ? -7.382  11.509  1.213   1.00 25.33 ? 469 PRO A CD  1 
ATOM   196 N N   . GLN A 1 30 ? -10.096 9.113   1.164   1.00 23.51 ? 470 GLN A N   1 
ATOM   197 C CA  . GLN A 1 30 ? -11.383 8.507   0.841   1.00 23.38 ? 470 GLN A CA  1 
ATOM   198 C C   . GLN A 1 30 ? -11.275 7.024   0.481   1.00 21.99 ? 470 GLN A C   1 
ATOM   199 O O   . GLN A 1 30 ? -12.301 6.360   0.280   1.00 22.77 ? 470 GLN A O   1 
ATOM   200 C CB  . GLN A 1 30 ? -12.077 9.274   -0.287  1.00 25.56 ? 470 GLN A CB  1 
ATOM   201 C CG  . GLN A 1 30 ? -11.482 9.044   -1.657  1.00 27.67 ? 470 GLN A CG  1 
ATOM   202 C CD  . GLN A 1 30 ? -10.363 10.015  -2.003  1.00 31.78 ? 470 GLN A CD  1 
ATOM   203 O OE1 . GLN A 1 30 ? -9.432  10.232  -1.225  1.00 31.52 ? 470 GLN A OE1 1 
ATOM   204 N NE2 . GLN A 1 30 ? -10.453 10.603  -3.186  1.00 34.34 ? 470 GLN A NE2 1 
ATOM   205 N N   . VAL A 1 31 ? -10.046 6.517   0.382   1.00 20.13 ? 471 VAL A N   1 
ATOM   206 C CA  . VAL A 1 31 ? -9.812  5.105   0.032   1.00 19.02 ? 471 VAL A CA  1 
ATOM   207 C C   . VAL A 1 31 ? -9.512  4.288   1.296   1.00 18.20 ? 471 VAL A C   1 
ATOM   208 O O   . VAL A 1 31 ? -8.615  4.645   2.056   1.00 18.65 ? 471 VAL A O   1 
ATOM   209 C CB  . VAL A 1 31 ? -8.668  4.945   -1.012  1.00 18.83 ? 471 VAL A CB  1 
ATOM   210 C CG1 . VAL A 1 31 ? -8.509  3.480   -1.407  1.00 18.56 ? 471 VAL A CG1 1 
ATOM   211 C CG2 . VAL A 1 31 ? -8.961  5.793   -2.246  1.00 20.23 ? 471 VAL A CG2 1 
ATOM   212 N N   . PRO A 1 32 ? -10.272 3.200   1.541   1.00 18.17 ? 472 PRO A N   1 
ATOM   213 C CA  . PRO A 1 32 ? -10.034 2.429   2.770   1.00 17.65 ? 472 PRO A CA  1 
ATOM   214 C C   . PRO A 1 32 ? -8.596  1.955   2.935   1.00 16.48 ? 472 PRO A C   1 
ATOM   215 O O   . PRO A 1 32 ? -7.998  1.439   1.991   1.00 16.39 ? 472 PRO A O   1 
ATOM   216 C CB  . PRO A 1 32 ? -10.963 1.211   2.622   1.00 17.89 ? 472 PRO A CB  1 
ATOM   217 C CG  . PRO A 1 32 ? -11.987 1.606   1.638   1.00 20.42 ? 472 PRO A CG  1 
ATOM   218 C CD  . PRO A 1 32 ? -11.381 2.647   0.738   1.00 18.77 ? 472 PRO A CD  1 
ATOM   219 N N   . TYR A 1 33 ? -8.061  2.120   4.138   1.00 15.58 ? 473 TYR A N   1 
ATOM   220 C CA  . TYR A 1 33 ? -6.696  1.687   4.447   1.00 15.32 ? 473 TYR A CA  1 
ATOM   221 C C   . TYR A 1 33 ? -6.473  0.209   4.081   1.00 14.83 ? 473 TYR A C   1 
ATOM   222 O O   . TYR A 1 33 ? -5.468  -0.136  3.456   1.00 15.00 ? 473 TYR A O   1 
ATOM   223 C CB  . TYR A 1 33 ? -6.372  1.956   5.921   1.00 16.34 ? 473 TYR A CB  1 
ATOM   224 C CG  . TYR A 1 33 ? -4.941  1.611   6.293   1.00 16.32 ? 473 TYR A CG  1 
ATOM   225 C CD1 . TYR A 1 33 ? -3.930  2.563   6.208   1.00 16.74 ? 473 TYR A CD1 1 
ATOM   226 C CD2 . TYR A 1 33 ? -4.604  0.328   6.740   1.00 16.71 ? 473 TYR A CD2 1 
ATOM   227 C CE1 . TYR A 1 33 ? -2.614  2.244   6.537   1.00 17.45 ? 473 TYR A CE1 1 
ATOM   228 C CE2 . TYR A 1 33 ? -3.283  -0.009  7.059   1.00 17.40 ? 473 TYR A CE2 1 
ATOM   229 C CZ  . TYR A 1 33 ? -2.293  0.965   6.969   1.00 18.72 ? 473 TYR A CZ  1 
ATOM   230 O OH  . TYR A 1 33 ? -0.986  0.634   7.289   1.00 20.54 ? 473 TYR A OH  1 
ATOM   231 N N   . HIS A 1 34 ? -7.406  -0.667  4.453   1.00 15.59 ? 474 HIS A N   1 
ATOM   232 C CA  . HIS A 1 34 ? -7.192  -2.095  4.195   1.00 15.22 ? 474 HIS A CA  1 
ATOM   233 C C   . HIS A 1 34 ? -7.076  -2.416  2.715   1.00 15.45 ? 474 HIS A C   1 
ATOM   234 O O   . HIS A 1 34 ? -6.330  -3.316  2.363   1.00 16.11 ? 474 HIS A O   1 
ATOM   235 C CB  . HIS A 1 34 ? -8.258  -2.967  4.873   1.00 15.72 ? 474 HIS A CB  1 
ATOM   236 C CG  . HIS A 1 34 ? -9.601  -2.935  4.210   1.00 15.49 ? 474 HIS A CG  1 
ATOM   237 N ND1 . HIS A 1 34 ? -10.515 -1.926  4.416   1.00 16.14 ? 474 HIS A ND1 1 
ATOM   238 C CD2 . HIS A 1 34 ? -10.201 -3.824  3.382   1.00 16.21 ? 474 HIS A CD2 1 
ATOM   239 C CE1 . HIS A 1 34 ? -11.614 -2.180  3.722   1.00 16.90 ? 474 HIS A CE1 1 
ATOM   240 N NE2 . HIS A 1 34 ? -11.445 -3.329  3.086   1.00 17.13 ? 474 HIS A NE2 1 
ATOM   241 N N   . LEU A 1 35 ? -7.789  -1.681  1.854   1.00 15.34 ? 475 LEU A N   1 
ATOM   242 C CA  . LEU A 1 35 ? -7.672  -1.912  0.406   1.00 15.95 ? 475 LEU A CA  1 
ATOM   243 C C   . LEU A 1 35 ? -6.326  -1.424  -0.140  1.00 15.47 ? 475 LEU A C   1 
ATOM   244 O O   . LEU A 1 35 ? -5.739  -2.066  -1.029  1.00 16.46 ? 475 LEU A O   1 
ATOM   245 C CB  . LEU A 1 35 ? -8.810  -1.240  -0.360  1.00 16.23 ? 475 LEU A CB  1 
ATOM   246 C CG  . LEU A 1 35 ? -10.211 -1.822  -0.180  1.00 18.60 ? 475 LEU A CG  1 
ATOM   247 C CD1 . LEU A 1 35 ? -11.171 -1.098  -1.119  1.00 19.25 ? 475 LEU A CD1 1 
ATOM   248 C CD2 . LEU A 1 35 ? -10.232 -3.323  -0.441  1.00 19.73 ? 475 LEU A CD2 1 
ATOM   249 N N   . VAL A 1 36 ? -5.837  -0.306  0.394   1.00 15.36 ? 476 VAL A N   1 
ATOM   250 C CA  . VAL A 1 36 ? -4.521  0.200   0.012   1.00 15.45 ? 476 VAL A CA  1 
ATOM   251 C C   . VAL A 1 36 ? -3.434  -0.797  0.407   1.00 15.19 ? 476 VAL A C   1 
ATOM   252 O O   . VAL A 1 36 ? -2.580  -1.152  -0.425  1.00 15.64 ? 476 VAL A O   1 
ATOM   253 C CB  . VAL A 1 36 ? -4.246  1.583   0.646   1.00 15.80 ? 476 VAL A CB  1 
ATOM   254 C CG1 . VAL A 1 36 ? -2.809  2.033   0.374   1.00 16.00 ? 476 VAL A CG1 1 
ATOM   255 C CG2 . VAL A 1 36 ? -5.221  2.589   0.073   1.00 17.15 ? 476 VAL A CG2 1 
ATOM   256 N N   . LEU A 1 37 ? -3.493  -1.295  1.642   1.00 15.29 ? 477 LEU A N   1 
ATOM   257 C CA  . LEU A 1 37 ? -2.467  -2.220  2.117   1.00 15.13 ? 477 LEU A CA  1 
ATOM   258 C C   . LEU A 1 37 ? -2.567  -3.548  1.364   1.00 15.33 ? 477 LEU A C   1 
ATOM   259 O O   . LEU A 1 37 ? -1.547  -4.122  0.995   1.00 15.62 ? 477 LEU A O   1 
ATOM   260 C CB  . LEU A 1 37 ? -2.541  -2.420  3.642   1.00 15.35 ? 477 LEU A CB  1 
ATOM   261 C CG  . LEU A 1 37 ? -1.482  -3.304  4.295   1.00 15.63 ? 477 LEU A CG  1 
ATOM   262 C CD1 . LEU A 1 37 ? -0.089  -2.771  4.034   1.00 15.75 ? 477 LEU A CD1 1 
ATOM   263 C CD2 . LEU A 1 37 ? -1.730  -3.404  5.784   1.00 17.91 ? 477 LEU A CD2 1 
ATOM   264 N N   . GLN A 1 38 ? -3.788  -4.019  1.106   1.00 15.24 ? 478 GLN A N   1 
ATOM   265 C CA  . GLN A 1 38 ? -3.941  -5.255  0.338   1.00 15.64 ? 478 GLN A CA  1 
ATOM   266 C C   . GLN A 1 38 ? -3.330  -5.112  -1.051  1.00 15.42 ? 478 GLN A C   1 
ATOM   267 O O   . GLN A 1 38 ? -2.602  -6.005  -1.523  1.00 15.55 ? 478 GLN A O   1 
ATOM   268 C CB  . GLN A 1 38 ? -5.395  -5.692  0.263   1.00 16.50 ? 478 GLN A CB  1 
ATOM   269 C CG  . GLN A 1 38 ? -5.825  -6.363  1.575   1.00 19.24 ? 478 GLN A CG  1 
ATOM   270 C CD  . GLN A 1 38 ? -7.316  -6.544  1.720   1.00 23.31 ? 478 GLN A CD  1 
ATOM   271 O OE1 . GLN A 1 38 ? -8.064  -6.501  0.753   1.00 24.44 ? 478 GLN A OE1 1 
ATOM   272 N NE2 . GLN A 1 38 ? -7.758  -6.746  2.961   1.00 27.79 ? 478 GLN A NE2 1 
ATOM   273 N N   . ASP A 1 39 ? -3.578  -3.973  -1.703  1.00 14.91 ? 479 ASP A N   1 
ATOM   274 C CA  . ASP A 1 39 ? -2.992  -3.776  -3.030  1.00 14.68 ? 479 ASP A CA  1 
ATOM   275 C C   . ASP A 1 39 ? -1.462  -3.736  -2.948  1.00 14.65 ? 479 ASP A C   1 
ATOM   276 O O   . ASP A 1 39 ? -0.767  -4.278  -3.812  1.00 15.00 ? 479 ASP A O   1 
ATOM   277 C CB  . ASP A 1 39 ? -3.516  -2.499  -3.700  1.00 14.94 ? 479 ASP A CB  1 
ATOM   278 C CG  . ASP A 1 39 ? -3.287  -2.514  -5.204  1.00 17.04 ? 479 ASP A CG  1 
ATOM   279 O OD1 . ASP A 1 39 ? -3.805  -3.449  -5.885  1.00 18.86 ? 479 ASP A OD1 1 
ATOM   280 O OD2 . ASP A 1 39 ? -2.557  -1.622  -5.707  1.00 17.21 ? 479 ASP A OD2 1 
ATOM   281 N N   . LEU A 1 40 ? -0.942  -3.097  -1.900  1.00 13.81 ? 480 LEU A N   1 
ATOM   282 C CA  . LEU A 1 40 ? 0.502   -3.012  -1.735  1.00 14.39 ? 480 LEU A CA  1 
ATOM   283 C C   . LEU A 1 40 ? 1.157   -4.383  -1.554  1.00 14.33 ? 480 LEU A C   1 
ATOM   284 O O   . LEU A 1 40 ? 2.327   -4.542  -1.864  1.00 15.10 ? 480 LEU A O   1 
ATOM   285 C CB  . LEU A 1 40 ? 0.875   -2.099  -0.564  1.00 14.21 ? 480 LEU A CB  1 
ATOM   286 C CG  . LEU A 1 40 ? 0.802   -0.584  -0.810  1.00 14.77 ? 480 LEU A CG  1 
ATOM   287 C CD1 . LEU A 1 40 ? 0.919   0.145   0.527   1.00 15.79 ? 480 LEU A CD1 1 
ATOM   288 C CD2 . LEU A 1 40 ? 1.870   -0.089  -1.805  1.00 15.23 ? 480 LEU A CD2 1 
ATOM   289 N N   . GLN A 1 41 ? 0.412   -5.361  -1.034  1.00 14.88 ? 481 GLN A N   1 
ATOM   290 C CA  . GLN A 1 41 ? 0.979   -6.708  -0.900  1.00 15.07 ? 481 GLN A CA  1 
ATOM   291 C C   . GLN A 1 41 ? 1.356   -7.264  -2.264  1.00 15.67 ? 481 GLN A C   1 
ATOM   292 O O   . GLN A 1 41 ? 2.358   -7.984  -2.395  1.00 16.87 ? 481 GLN A O   1 
ATOM   293 C CB  . GLN A 1 41 ? 0.004   -7.654  -0.202  1.00 15.41 ? 481 GLN A CB  1 
ATOM   294 C CG  . GLN A 1 41 ? -0.368  -7.246  1.221   1.00 17.21 ? 481 GLN A CG  1 
ATOM   295 C CD  . GLN A 1 41 ? 0.767   -7.382  2.235   1.00 17.33 ? 481 GLN A CD  1 
ATOM   296 O OE1 . GLN A 1 41 ? 1.851   -7.920  1.940   1.00 18.02 ? 481 GLN A OE1 1 
ATOM   297 N NE2 . GLN A 1 41 ? 0.514   -6.911  3.449   1.00 19.14 ? 481 GLN A NE2 1 
ATOM   298 N N   . LEU A 1 42 ? 0.548   -6.918  -3.267  1.00 16.42 ? 482 LEU A N   1 
ATOM   299 C CA  . LEU A 1 42 ? 0.750   -7.382  -4.645  1.00 17.75 ? 482 LEU A CA  1 
ATOM   300 C C   . LEU A 1 42 ? 1.763   -6.515  -5.402  1.00 17.03 ? 482 LEU A C   1 
ATOM   301 O O   . LEU A 1 42 ? 2.639   -7.027  -6.108  1.00 18.72 ? 482 LEU A O   1 
ATOM   302 C CB  . LEU A 1 42 ? -0.583  -7.371  -5.398  1.00 18.92 ? 482 LEU A CB  1 
ATOM   303 C CG  . LEU A 1 42 ? -1.504  -8.565  -5.158  1.00 23.70 ? 482 LEU A CG  1 
ATOM   304 C CD1 . LEU A 1 42 ? -2.339  -8.410  -3.894  1.00 27.29 ? 482 LEU A CD1 1 
ATOM   305 C CD2 . LEU A 1 42 ? -2.378  -8.750  -6.382  1.00 29.80 ? 482 LEU A CD2 1 
ATOM   306 N N   . THR A 1 43 ? 1.657   -5.199  -5.248  1.00 15.99 ? 483 THR A N   1 
ATOM   307 C CA  . THR A 1 43 ? 2.482   -4.275  -6.039  1.00 16.08 ? 483 THR A CA  1 
ATOM   308 C C   . THR A 1 43 ? 3.831   -3.973  -5.404  1.00 16.11 ? 483 THR A C   1 
ATOM   309 O O   . THR A 1 43 ? 4.827   -3.709  -6.108  1.00 16.58 ? 483 THR A O   1 
ATOM   310 C CB  . THR A 1 43 ? 1.771   -2.933  -6.247  1.00 15.82 ? 483 THR A CB  1 
ATOM   311 O OG1 . THR A 1 43 ? 1.723   -2.220  -5.001  1.00 15.55 ? 483 THR A OG1 1 
ATOM   312 C CG2 . THR A 1 43 ? 0.352   -3.134  -6.788  1.00 17.31 ? 483 THR A CG2 1 
ATOM   313 N N   . ARG A 1 44 ? 3.849   -3.975  -4.071  1.00 14.85 ? 484 ARG A N   1 
ATOM   314 C CA  . ARG A 1 44 ? 5.050   -3.617  -3.295  1.00 15.29 ? 484 ARG A CA  1 
ATOM   315 C C   . ARG A 1 44 ? 5.618   -2.254  -3.734  1.00 15.41 ? 484 ARG A C   1 
ATOM   316 O O   . ARG A 1 44 ? 6.819   -2.013  -3.697  1.00 16.43 ? 484 ARG A O   1 
ATOM   317 C CB  . ARG A 1 44 ? 6.085   -4.754  -3.383  1.00 15.33 ? 484 ARG A CB  1 
ATOM   318 C CG  . ARG A 1 44 ? 5.462   -6.107  -3.011  1.00 15.68 ? 484 ARG A CG  1 
ATOM   319 C CD  . ARG A 1 44 ? 6.472   -7.234  -2.985  1.00 16.59 ? 484 ARG A CD  1 
ATOM   320 N NE  . ARG A 1 44 ? 7.198   -7.347  -4.244  1.00 16.66 ? 484 ARG A NE  1 
ATOM   321 C CZ  . ARG A 1 44 ? 7.748   -8.464  -4.707  1.00 17.56 ? 484 ARG A CZ  1 
ATOM   322 N NH1 . ARG A 1 44 ? 7.654   -9.619  -4.043  1.00 17.43 ? 484 ARG A NH1 1 
ATOM   323 N NH2 . ARG A 1 44 ? 8.403   -8.423  -5.857  1.00 17.91 ? 484 ARG A NH2 1 
ATOM   324 N N   . SER A 1 45 ? 4.717   -1.361  -4.144  1.00 15.60 ? 485 SER A N   1 
ATOM   325 C CA  . SER A 1 45 ? 5.110   -0.111  -4.787  1.00 16.15 ? 485 SER A CA  1 
ATOM   326 C C   . SER A 1 45 ? 4.079   0.988   -4.570  1.00 15.56 ? 485 SER A C   1 
ATOM   327 O O   . SER A 1 45 ? 2.920   0.851   -4.973  1.00 15.86 ? 485 SER A O   1 
ATOM   328 C CB  . SER A 1 45 ? 5.288   -0.345  -6.290  1.00 17.15 ? 485 SER A CB  1 
ATOM   329 O OG  . SER A 1 45 ? 5.450   0.904   -6.953  1.00 17.66 ? 485 SER A OG  1 
ATOM   330 N N   . VAL A 1 46 ? 4.498   2.075   -3.928  1.00 16.03 ? 486 VAL A N   1 
ATOM   331 C CA  . VAL A 1 46 ? 3.645   3.266   -3.823  1.00 15.95 ? 486 VAL A CA  1 
ATOM   332 C C   . VAL A 1 46 ? 3.204   3.760   -5.215  1.00 16.33 ? 486 VAL A C   1 
ATOM   333 O O   . VAL A 1 46 ? 2.048   4.114   -5.424  1.00 16.07 ? 486 VAL A O   1 
ATOM   334 C CB  . VAL A 1 46 ? 4.333   4.396   -3.038  1.00 17.40 ? 486 VAL A CB  1 
ATOM   335 C CG1 . VAL A 1 46 ? 3.572   5.701   -3.187  1.00 18.12 ? 486 VAL A CG1 1 
ATOM   336 C CG2 . VAL A 1 46 ? 4.441   4.012   -1.547  1.00 17.31 ? 486 VAL A CG2 1 
ATOM   337 N N   . GLU A 1 47 ? 4.131   3.778   -6.170  1.00 16.78 ? 487 GLU A N   1 
ATOM   338 C CA  . GLU A 1 47 ? 3.812   4.291   -7.500  1.00 16.91 ? 487 GLU A CA  1 
ATOM   339 C C   . GLU A 1 47 ? 2.747   3.433   -8.188  1.00 16.65 ? 487 GLU A C   1 
ATOM   340 O O   . GLU A 1 47 ? 1.781   3.954   -8.746  1.00 16.64 ? 487 GLU A O   1 
ATOM   341 C CB  . GLU A 1 47 ? 5.064   4.367   -8.372  1.00 18.55 ? 487 GLU A CB  1 
ATOM   342 C CG  . GLU A 1 47 ? 4.761   4.910   -9.760  1.00 22.50 ? 487 GLU A CG  1 
ATOM   343 C CD  . GLU A 1 47 ? 5.987   5.056   -10.635 1.00 30.31 ? 487 GLU A CD  1 
ATOM   344 O OE1 . GLU A 1 47 ? 5.797   5.355   -11.834 1.00 34.50 ? 487 GLU A OE1 1 
ATOM   345 O OE2 . GLU A 1 47 ? 7.126   4.882   -10.135 1.00 32.10 ? 487 GLU A OE2 1 
ATOM   346 N N   . ILE A 1 48 ? 2.906   2.114   -8.140  1.00 16.32 ? 488 ILE A N   1 
ATOM   347 C CA  . ILE A 1 48 ? 1.947   1.239   -8.810  1.00 17.07 ? 488 ILE A CA  1 
ATOM   348 C C   . ILE A 1 48 ? 0.584   1.275   -8.130  1.00 16.19 ? 488 ILE A C   1 
ATOM   349 O O   . ILE A 1 48 ? -0.447  1.359   -8.795  1.00 16.47 ? 488 ILE A O   1 
ATOM   350 C CB  . ILE A 1 48 ? 2.455   -0.207  -8.959  1.00 17.54 ? 488 ILE A CB  1 
ATOM   351 C CG1 . ILE A 1 48 ? 3.766   -0.229  -9.753  1.00 19.39 ? 488 ILE A CG1 1 
ATOM   352 C CG2 . ILE A 1 48 ? 1.399   -1.043  -9.677  1.00 18.11 ? 488 ILE A CG2 1 
ATOM   353 C CD1 . ILE A 1 48 ? 4.472   -1.585  -9.752  1.00 19.85 ? 488 ILE A CD1 1 
ATOM   354 N N   . THR A 1 49 ? 0.564   1.228   -6.802  1.00 15.75 ? 489 THR A N   1 
ATOM   355 C CA  . THR A 1 49 ? -0.717  1.306   -6.096  1.00 15.67 ? 489 THR A CA  1 
ATOM   356 C C   . THR A 1 49 ? -1.412  2.653   -6.326  1.00 15.91 ? 489 THR A C   1 
ATOM   357 O O   . THR A 1 49 ? -2.636  2.698   -6.511  1.00 16.05 ? 489 THR A O   1 
ATOM   358 C CB  . THR A 1 49 ? -0.570  0.924   -4.615  1.00 15.47 ? 489 THR A CB  1 
ATOM   359 O OG1 . THR A 1 49 ? -0.346  -0.494  -4.557  1.00 15.63 ? 489 THR A OG1 1 
ATOM   360 C CG2 . THR A 1 49 ? -1.838  1.261   -3.829  1.00 15.75 ? 489 THR A CG2 1 
ATOM   361 N N   . THR A 1 50 ? -0.633  3.731   -6.396  1.00 15.51 ? 490 THR A N   1 
ATOM   362 C CA  . THR A 1 50 ? -1.198  5.036   -6.732  1.00 15.86 ? 490 THR A CA  1 
ATOM   363 C C   . THR A 1 50 ? -1.791  5.047   -8.153  1.00 15.87 ? 490 THR A C   1 
ATOM   364 O O   . THR A 1 50 ? -2.885  5.585   -8.353  1.00 16.26 ? 490 THR A O   1 
ATOM   365 C CB  . THR A 1 50 ? -0.152  6.147   -6.544  1.00 15.83 ? 490 THR A CB  1 
ATOM   366 O OG1 . THR A 1 50 ? 0.260   6.137   -5.174  1.00 16.24 ? 490 THR A OG1 1 
ATOM   367 C CG2 . THR A 1 50 ? -0.752  7.518   -6.853  1.00 17.11 ? 490 THR A CG2 1 
ATOM   368 N N   . ASP A 1 51 ? -1.097  4.420   -9.109  1.00 15.79 ? 491 ASP A N   1 
ATOM   369 C CA  . ASP A 1 51 ? -1.644  4.236   -10.466 1.00 16.00 ? 491 ASP A CA  1 
ATOM   370 C C   . ASP A 1 51 ? -2.994  3.541   -10.353 1.00 16.18 ? 491 ASP A C   1 
ATOM   371 O O   . ASP A 1 51 ? -3.978  3.986   -10.944 1.00 16.83 ? 491 ASP A O   1 
ATOM   372 C CB  . ASP A 1 51 ? -0.750  3.329   -11.321 1.00 16.44 ? 491 ASP A CB  1 
ATOM   373 C CG  . ASP A 1 51 ? 0.510   4.011   -11.842 1.00 17.94 ? 491 ASP A CG  1 
ATOM   374 O OD1 . ASP A 1 51 ? 0.677   5.245   -11.694 1.00 17.88 ? 491 ASP A OD1 1 
ATOM   375 O OD2 . ASP A 1 51 ? 1.332   3.278   -12.457 1.00 19.75 ? 491 ASP A OD2 1 
ATOM   376 N N   . ASN A 1 52 ? -3.027  2.445   -9.592  1.00 16.12 ? 492 ASN A N   1 
ATOM   377 C CA  . ASN A 1 52 ? -4.250  1.660   -9.445  1.00 16.96 ? 492 ASN A CA  1 
ATOM   378 C C   . ASN A 1 52 ? -5.420  2.475   -8.873  1.00 17.31 ? 492 ASN A C   1 
ATOM   379 O O   . ASN A 1 52 ? -6.558  2.364   -9.349  1.00 18.35 ? 492 ASN A O   1 
ATOM   380 C CB  . ASN A 1 52 ? -3.968  0.420   -8.588  1.00 16.93 ? 492 ASN A CB  1 
ATOM   381 C CG  . ASN A 1 52 ? -3.160  -0.634  -9.338  1.00 18.60 ? 492 ASN A CG  1 
ATOM   382 O OD1 . ASN A 1 52 ? -3.158  -0.669  -10.583 1.00 20.54 ? 492 ASN A OD1 1 
ATOM   383 N ND2 . ASN A 1 52 ? -2.483  -1.513  -8.594  1.00 17.31 ? 492 ASN A ND2 1 
ATOM   384 N N   . ILE A 1 53 ? -5.144  3.304   -7.869  1.00 16.95 ? 493 ILE A N   1 
ATOM   385 C CA  . ILE A 1 53 ? -6.174  4.157   -7.293  1.00 17.48 ? 493 ILE A CA  1 
ATOM   386 C C   . ILE A 1 53 ? -6.677  5.147   -8.351  1.00 18.22 ? 493 ILE A C   1 
ATOM   387 O O   . ILE A 1 53 ? -7.896  5.320   -8.539  1.00 18.83 ? 493 ILE A O   1 
ATOM   388 C CB  . ILE A 1 53 ? -5.661  4.921   -6.047  1.00 16.90 ? 493 ILE A CB  1 
ATOM   389 C CG1 . ILE A 1 53 ? -5.386  3.942   -4.906  1.00 16.73 ? 493 ILE A CG1 1 
ATOM   390 C CG2 . ILE A 1 53 ? -6.684  5.960   -5.600  1.00 18.45 ? 493 ILE A CG2 1 
ATOM   391 C CD1 . ILE A 1 53 ? -4.612  4.554   -3.751  1.00 18.47 ? 493 ILE A CD1 1 
ATOM   392 N N   . LEU A 1 54 ? -5.747  5.784   -9.052  1.00 15.96 ? 494 LEU A N   1 
ATOM   393 C CA  . LEU A 1 54 ? -6.139  6.818   -10.020 1.00 16.26 ? 494 LEU A CA  1 
ATOM   394 C C   . LEU A 1 54 ? -6.857  6.255   -11.248 1.00 17.92 ? 494 LEU A C   1 
ATOM   395 O O   . LEU A 1 54 ? -7.600  6.964   -11.926 1.00 20.23 ? 494 LEU A O   1 
ATOM   396 C CB  . LEU A 1 54 ? -4.929  7.667   -10.432 1.00 16.13 ? 494 LEU A CB  1 
ATOM   397 C CG  . LEU A 1 54 ? -4.368  8.554   -9.319  1.00 16.95 ? 494 LEU A CG  1 
ATOM   398 C CD1 . LEU A 1 54 ? -3.060  9.187   -9.770  1.00 18.15 ? 494 LEU A CD1 1 
ATOM   399 C CD2 . LEU A 1 54 ? -5.349  9.630   -8.878  1.00 18.40 ? 494 LEU A CD2 1 
ATOM   400 N N   . GLU A 1 55 ? -6.626  4.981   -11.531 1.00 18.48 ? 495 GLU A N   1 
ATOM   401 C CA  . GLU A 1 55 ? -7.280  4.309   -12.643 1.00 19.89 ? 495 GLU A CA  1 
ATOM   402 C C   . GLU A 1 55 ? -8.642  3.732   -12.236 1.00 22.06 ? 495 GLU A C   1 
ATOM   403 O O   . GLU A 1 55 ? -9.361  3.175   -13.063 1.00 24.37 ? 495 GLU A O   1 
ATOM   404 C CB  . GLU A 1 55 ? -6.369  3.199   -13.189 1.00 20.64 ? 495 GLU A CB  1 
ATOM   405 C CG  . GLU A 1 55 ? -5.101  3.725   -13.857 1.00 20.22 ? 495 GLU A CG  1 
ATOM   406 C CD  . GLU A 1 55 ? -4.164  2.631   -14.307 1.00 24.15 ? 495 GLU A CD  1 
ATOM   407 O OE1 . GLU A 1 55 ? -4.644  1.523   -14.647 1.00 29.56 ? 495 GLU A OE1 1 
ATOM   408 O OE2 . GLU A 1 55 ? -2.944  2.881   -14.362 1.00 21.86 ? 495 GLU A OE2 1 
ATOM   409 N N   . GLY A 1 56 ? -8.996  3.861   -10.963 1.00 22.33 ? 496 GLY A N   1 
ATOM   410 C CA  . GLY A 1 56 ? -10.264 3.311   -10.469 1.00 25.15 ? 496 GLY A CA  1 
ATOM   411 C C   . GLY A 1 56 ? -10.262 1.793   -10.297 1.00 26.68 ? 496 GLY A C   1 
ATOM   412 O O   . GLY A 1 56 ? -11.323 1.151   -10.362 1.00 29.07 ? 496 GLY A O   1 
ATOM   413 N N   . ARG A 1 57 ? -9.084  1.214   -10.061 1.00 26.33 ? 497 ARG A N   1 
ATOM   414 C CA  . ARG A 1 57 ? -8.950  -0.246  -9.944  1.00 29.81 ? 497 ARG A CA  1 
ATOM   415 C C   . ARG A 1 57 ? -9.071  -0.775  -8.517  1.00 32.47 ? 497 ARG A C   1 
ATOM   416 O O   . ARG A 1 57 ? -9.274  -1.970  -8.312  1.00 35.65 ? 497 ARG A O   1 
ATOM   417 C CB  . ARG A 1 57 ? -7.629  -0.738  -10.540 1.00 30.30 ? 497 ARG A CB  1 
ATOM   418 C CG  . ARG A 1 57 ? -7.407  -0.396  -12.006 1.00 31.51 ? 497 ARG A CG  1 
ATOM   419 C CD  . ARG A 1 57 ? -6.471  -1.418  -12.618 1.00 39.26 ? 497 ARG A CD  1 
ATOM   420 N NE  . ARG A 1 57 ? -5.471  -0.825  -13.497 1.00 41.91 ? 497 ARG A NE  1 
ATOM   421 C CZ  . ARG A 1 57 ? -4.528  -1.521  -14.134 1.00 47.96 ? 497 ARG A CZ  1 
ATOM   422 N NH1 . ARG A 1 57 ? -4.461  -2.844  -14.001 1.00 52.76 ? 497 ARG A NH1 1 
ATOM   423 N NH2 . ARG A 1 57 ? -3.647  -0.894  -14.911 1.00 49.19 ? 497 ARG A NH2 1 
ATOM   424 N N   . ILE A 1 58 ? -8.928  0.107   -7.536  1.00 32.63 ? 498 ILE A N   1 
ATOM   425 C CA  . ILE A 1 58 ? -9.045  -0.302  -6.140  1.00 37.42 ? 498 ILE A CA  1 
ATOM   426 C C   . ILE A 1 58 ? -10.200 0.432   -5.465  1.00 39.30 ? 498 ILE A C   1 
ATOM   427 O O   . ILE A 1 58 ? -11.002 -0.186  -4.770  1.00 43.24 ? 498 ILE A O   1 
ATOM   428 C CB  . ILE A 1 58 ? -7.682  -0.189  -5.358  1.00 38.34 ? 498 ILE A CB  1 
ATOM   429 C CG1 . ILE A 1 58 ? -7.884  0.225   -3.890  1.00 42.34 ? 498 ILE A CG1 1 
ATOM   430 C CG2 . ILE A 1 58 ? -6.714  0.713   -6.058  1.00 35.66 ? 498 ILE A CG2 1 
ATOM   431 C CD1 . ILE A 1 58 ? -6.598  0.590   -3.173  1.00 44.26 ? 498 ILE A CD1 1 
ATOM   432 O OXT . ILE A 1 58 ? -10.363 1.644   -5.630  1.00 38.46 ? 498 ILE A OXT 1 
HETATM 433 O O   . HOH B 2 .  ? -2.684  6.945   8.031   1.00 20.24 ? 501 HOH A O   1 
HETATM 434 O O   . HOH B 2 .  ? 7.361   2.405   -3.325  1.00 22.79 ? 502 HOH A O   1 
HETATM 435 O O   . HOH B 2 .  ? 3.833   -9.778  -3.762  1.00 19.11 ? 503 HOH A O   1 
HETATM 436 O O   . HOH B 2 .  ? 5.818   -10.842 -1.982  1.00 16.49 ? 504 HOH A O   1 
HETATM 437 O O   . HOH B 2 .  ? -7.158  -3.769  -2.862  1.00 20.35 ? 505 HOH A O   1 
HETATM 438 O O   . HOH B 2 .  ? -2.620  -6.656  4.121   1.00 21.81 ? 506 HOH A O   1 
HETATM 439 O O   . HOH B 2 .  ? 3.812   -8.239  -0.036  1.00 17.91 ? 507 HOH A O   1 
HETATM 440 O O   . HOH B 2 .  ? -9.075  6.204   4.267   1.00 21.17 ? 508 HOH A O   1 
HETATM 441 O O   . HOH B 2 .  ? -9.903  2.648   6.285   1.00 16.06 ? 509 HOH A O   1 
HETATM 442 O O   . HOH B 2 .  ? -5.603  -5.142  -4.813  1.00 23.45 ? 510 HOH A O   1 
HETATM 443 O O   . HOH B 2 .  ? 6.988   3.866   -5.754  1.00 25.42 ? 511 HOH A O   1 
HETATM 444 O O   . HOH B 2 .  ? 2.976   6.193   -13.031 1.00 25.74 ? 512 HOH A O   1 
HETATM 445 O O   . HOH B 2 .  ? -9.793  3.650   -7.260  1.00 37.13 ? 513 HOH A O   1 
HETATM 446 O O   . HOH B 2 .  ? 4.527   -9.523  -6.294  1.00 31.72 ? 514 HOH A O   1 
HETATM 447 O O   . HOH B 2 .  ? 0.729   0.602   -13.026 1.00 27.20 ? 515 HOH A O   1 
HETATM 448 O O   . HOH B 2 .  ? -8.939  3.705   -15.768 1.00 36.00 ? 516 HOH A O   1 
HETATM 449 O O   . HOH B 2 .  ? 0.762   8.262   -3.404  1.00 31.71 ? 517 HOH A O   1 
HETATM 450 O O   . HOH B 2 .  ? -1.213  -6.922  6.584   1.00 36.69 ? 518 HOH A O   1 
HETATM 451 O O   . HOH B 2 .  ? 4.287   6.610   6.446   1.00 45.11 ? 519 HOH A O   1 
HETATM 452 O O   . HOH B 2 .  ? -10.326 -7.912  3.553   1.00 48.62 ? 520 HOH A O   1 
HETATM 453 O O   . HOH B 2 .  ? 9.256   -17.298 6.071   1.00 42.05 ? 521 HOH A O   1 
HETATM 454 O O   . HOH B 2 .  ? 1.292   1.503   11.661  1.00 29.14 ? 522 HOH A O   1 
HETATM 455 O O   . HOH B 2 .  ? -2.026  0.221   -12.950 1.00 37.01 ? 523 HOH A O   1 
HETATM 456 O O   . HOH B 2 .  ? 15.430  -8.168  8.902   1.00 62.73 ? 524 HOH A O   1 
HETATM 457 O O   . HOH B 2 .  ? -8.020  -6.224  -1.954  1.00 28.97 ? 525 HOH A O   1 
HETATM 458 O O   . HOH B 2 .  ? 7.490   0.858   -8.474  1.00 38.04 ? 526 HOH A O   1 
HETATM 459 O O   . HOH B 2 .  ? -6.035  5.554   1.494   1.00 28.26 ? 527 HOH A O   1 
HETATM 460 O O   . HOH B 2 .  ? 1.711   11.110  1.581   1.00 42.56 ? 528 HOH A O   1 
HETATM 461 O O   . HOH B 2 .  ? -5.113  -5.099  4.699   1.00 36.87 ? 529 HOH A O   1 
HETATM 462 O O   . HOH B 2 .  ? 0.358   13.687  1.486   1.00 49.40 ? 530 HOH A O   1 
HETATM 463 O O   . HOH B 2 .  ? -2.848  -4.941  -8.010  1.00 30.36 ? 531 HOH A O   1 
HETATM 464 O O   . HOH B 2 .  ? 4.033   3.121   -12.396 1.00 43.21 ? 532 HOH A O   1 
HETATM 465 O O   . HOH B 2 .  ? 1.384   -5.560  7.073   1.00 37.65 ? 533 HOH A O   1 
HETATM 466 O O   . HOH B 2 .  ? -12.993 -0.515  -8.513  1.00 52.07 ? 534 HOH A O   1 
HETATM 467 O O   . HOH B 2 .  ? 9.724   -2.184  9.492   1.00 41.88 ? 535 HOH A O   1 
HETATM 468 O O   . HOH B 2 .  ? -5.183  13.421  4.391   1.00 44.18 ? 536 HOH A O   1 
HETATM 469 O O   . HOH B 2 .  ? -9.542  -3.349  -4.348  1.00 38.33 ? 537 HOH A O   1 
HETATM 470 O O   . HOH B 2 .  ? 8.474   -1.633  -8.017  1.00 38.36 ? 538 HOH A O   1 
HETATM 471 O O   . HOH B 2 .  ? 3.047   -0.626  11.355  1.00 44.54 ? 539 HOH A O   1 
HETATM 472 O O   . HOH B 2 .  ? -11.203 4.951   5.617   1.00 18.91 ? 540 HOH A O   1 
HETATM 473 O O   . HOH B 2 .  ? 3.323   8.942   -4.784  1.00 30.49 ? 541 HOH A O   1 
HETATM 474 O O   . HOH B 2 .  ? 3.432   7.855   -7.430  1.00 20.61 ? 542 HOH A O   1 
HETATM 475 O O   . HOH B 2 .  ? 16.590  -6.284  10.512  1.00 54.70 ? 543 HOH A O   1 
HETATM 476 O O   . HOH B 2 .  ? 6.061   8.480   -7.957  1.00 38.89 ? 544 HOH A O   1 
HETATM 477 O O   . HOH B 2 .  ? -0.498  -6.192  -9.115  1.00 45.25 ? 545 HOH A O   1 
HETATM 478 O O   . HOH B 2 .  ? 1.841   -5.126  -9.915  1.00 41.01 ? 546 HOH A O   1 
HETATM 479 O O   . HOH B 2 .  ? 7.992   1.623   12.011  1.00 57.87 ? 547 HOH A O   1 
HETATM 480 O O   . HOH B 2 .  ? -1.315  8.762   6.956   1.00 35.12 ? 548 HOH A O   1 
HETATM 481 O O   . HOH B 2 .  ? -1.340  -3.891  -10.004 1.00 35.42 ? 549 HOH A O   1 
HETATM 482 O O   . HOH B 2 .  ? -7.111  2.208   -16.722 1.00 37.61 ? 550 HOH A O   1 
HETATM 483 O O   . HOH B 2 .  ? 8.006   3.857   -0.919  1.00 39.53 ? 551 HOH A O   1 
HETATM 484 O O   . HOH B 2 .  ? 1.185   -8.382  7.917   1.00 45.18 ? 552 HOH A O   1 
HETATM 485 O O   . HOH B 2 .  ? 5.143   0.680   10.092  1.00 38.86 ? 553 HOH A O   1 
# 
loop_
_atom_site_anisotrop.id 
_atom_site_anisotrop.type_symbol 
_atom_site_anisotrop.pdbx_label_atom_id 
_atom_site_anisotrop.pdbx_label_alt_id 
_atom_site_anisotrop.pdbx_label_comp_id 
_atom_site_anisotrop.pdbx_label_asym_id 
_atom_site_anisotrop.pdbx_label_seq_id 
_atom_site_anisotrop.pdbx_PDB_ins_code 
_atom_site_anisotrop.U[1][1] 
_atom_site_anisotrop.U[2][2] 
_atom_site_anisotrop.U[3][3] 
_atom_site_anisotrop.U[1][2] 
_atom_site_anisotrop.U[1][3] 
_atom_site_anisotrop.U[2][3] 
_atom_site_anisotrop.pdbx_auth_seq_id 
_atom_site_anisotrop.pdbx_auth_comp_id 
_atom_site_anisotrop.pdbx_auth_asym_id 
_atom_site_anisotrop.pdbx_auth_atom_id 
1   N N   . ARG A 6  ? 0.4889 0.4474 0.5650 0.1114  -0.0717 0.0095  446 ARG A N   
2   C CA  . ARG A 6  ? 0.4758 0.4262 0.5245 0.0988  -0.0538 0.0058  446 ARG A CA  
3   C C   . ARG A 6  ? 0.4651 0.4119 0.4865 0.0820  -0.0627 0.0068  446 ARG A C   
4   O O   . ARG A 6  ? 0.4428 0.4006 0.4639 0.0707  -0.0540 0.0036  446 ARG A O   
5   C CB  . ARG A 6  ? 0.5010 0.4163 0.5161 0.1050  -0.0454 0.0033  446 ARG A CB  
6   C CG  . ARG A 6  ? 0.4988 0.4016 0.4878 0.0976  -0.0337 -0.0035 446 ARG A CG  
7   C CD  . ARG A 6  ? 0.5220 0.3832 0.4793 0.1056  -0.0358 -0.0105 446 ARG A CD  
8   N NE  . ARG A 6  ? 0.5268 0.3661 0.4746 0.0926  -0.0516 -0.0067 446 ARG A NE  
9   C CZ  . ARG A 6  ? 0.5657 0.3668 0.4987 0.0937  -0.0610 -0.0127 446 ARG A CZ  
10  N NH1 . ARG A 6  ? 0.5851 0.3591 0.4955 0.1106  -0.0601 -0.0262 446 ARG A NH1 
11  N NH2 . ARG A 6  ? 0.5869 0.3723 0.5280 0.0802  -0.0708 -0.0042 446 ARG A NH2 
12  N N   . GLY A 7  ? 0.4849 0.4134 0.4811 0.0834  -0.0768 0.0132  447 GLY A N   
13  C CA  . GLY A 7  ? 0.4839 0.4018 0.4477 0.0733  -0.0784 0.0183  447 GLY A CA  
14  C C   . GLY A 7  ? 0.4697 0.4084 0.4407 0.0679  -0.0862 0.0126  447 GLY A C   
15  O O   . GLY A 7  ? 0.4520 0.3925 0.4101 0.0562  -0.0771 0.0118  447 GLY A O   
16  N N   . SER A 8  ? 0.4773 0.4305 0.4744 0.0770  -0.1061 0.0078  448 SER A N   
17  C CA  . SER A 8  ? 0.4672 0.4362 0.4804 0.0731  -0.1218 -0.0003 448 SER A CA  
18  C C   . SER A 8  ? 0.4291 0.4215 0.4737 0.0582  -0.1025 -0.0045 448 SER A C   
19  O O   . SER A 8  ? 0.4268 0.4192 0.4574 0.0492  -0.1036 -0.0081 448 SER A O   
20  C CB  . SER A 8  ? 0.4843 0.4663 0.5412 0.0851  -0.1521 -0.0060 448 SER A CB  
21  N N   . GLU A 9  ? 0.4074 0.4145 0.4875 0.0591  -0.0829 -0.0028 449 GLU A N   
22  C CA  . GLU A 9  ? 0.3773 0.4006 0.4808 0.0507  -0.0601 -0.0033 449 GLU A CA  
23  C C   . GLU A 9  ? 0.3538 0.3609 0.4091 0.0405  -0.0479 -0.0038 449 GLU A C   
24  O O   . GLU A 9  ? 0.3304 0.3458 0.3904 0.0313  -0.0407 -0.0055 449 GLU A O   
25  C CB  . GLU A 9  ? 0.3853 0.4161 0.5176 0.0621  -0.0361 0.0012  449 GLU A CB  
26  C CG  . GLU A 9  ? 0.4277 0.4823 0.6293 0.0726  -0.0426 0.0045  449 GLU A CG  
27  C CD  . GLU A 9  ? 0.4542 0.5391 0.7274 0.0649  -0.0433 0.0061  449 GLU A CD  
28  O OE1 . GLU A 9  ? 0.4927 0.5989 0.8350 0.0694  -0.0624 0.0064  449 GLU A OE1 
29  O OE2 . GLU A 9  ? 0.4688 0.5554 0.7355 0.0545  -0.0270 0.0071  449 GLU A OE2 
30  N N   . ASN A 10 ? 0.3492 0.3328 0.3660 0.0421  -0.0473 -0.0015 450 ASN A N   
31  C CA  . ASN A 10 ? 0.3336 0.3030 0.3197 0.0325  -0.0397 -0.0012 450 ASN A CA  
32  C C   . ASN A 10 ? 0.3369 0.3055 0.3059 0.0243  -0.0457 0.0008  450 ASN A C   
33  O O   . ASN A 10 ? 0.3244 0.2964 0.2884 0.0154  -0.0383 -0.0007 450 ASN A O   
34  C CB  . ASN A 10 ? 0.3406 0.2845 0.3079 0.0357  -0.0396 0.0010  450 ASN A CB  
35  C CG  . ASN A 10 ? 0.3350 0.2689 0.3010 0.0449  -0.0310 -0.0052 450 ASN A CG  
36  O OD1 . ASN A 10 ? 0.3381 0.2619 0.2889 0.0427  -0.0263 -0.0104 450 ASN A OD1 
37  N ND2 . ASN A 10 ? 0.3318 0.2650 0.3096 0.0589  -0.0296 -0.0050 450 ASN A ND2 
38  N N   . LEU A 11 ? 0.3610 0.3211 0.3154 0.0311  -0.0591 0.0045  451 LEU A N   
39  C CA  . LEU A 11 ? 0.3801 0.3318 0.3060 0.0304  -0.0628 0.0063  451 LEU A CA  
40  C C   . LEU A 11 ? 0.3701 0.3383 0.3128 0.0253  -0.0700 -0.0039 451 LEU A C   
41  O O   . LEU A 11 ? 0.3699 0.3352 0.2965 0.0195  -0.0629 -0.0043 451 LEU A O   
42  C CB  . LEU A 11 ? 0.4258 0.3544 0.3165 0.0462  -0.0762 0.0123  451 LEU A CB  
43  C CG  . LEU A 11 ? 0.4613 0.3669 0.3325 0.0515  -0.0640 0.0277  451 LEU A CG  
44  C CD1 . LEU A 11 ? 0.5114 0.3890 0.3393 0.0722  -0.0765 0.0354  451 LEU A CD1 
45  C CD2 . LEU A 11 ? 0.4592 0.3572 0.3251 0.0418  -0.0405 0.0390  451 LEU A CD2 
46  N N   . TYR A 12 ? 0.3640 0.3496 0.3476 0.0271  -0.0827 -0.0108 452 TYR A N   
47  C CA  . TYR A 12 ? 0.3546 0.3563 0.3717 0.0199  -0.0887 -0.0187 452 TYR A CA  
48  C C   . TYR A 12 ? 0.3187 0.3297 0.3430 0.0087  -0.0628 -0.0160 452 TYR A C   
49  O O   . TYR A 12 ? 0.3082 0.3192 0.3287 0.0018  -0.0617 -0.0195 452 TYR A O   
50  C CB  . TYR A 12 ? 0.3691 0.3920 0.4516 0.0227  -0.1026 -0.0223 452 TYR A CB  
51  C CG  . TYR A 12 ? 0.3883 0.4250 0.5184 0.0140  -0.1121 -0.0291 452 TYR A CG  
52  C CD1 . TYR A 12 ? 0.4452 0.4723 0.5818 0.0179  -0.1509 -0.0415 452 TYR A CD1 
53  C CD2 . TYR A 12 ? 0.3941 0.4474 0.5589 0.0042  -0.0843 -0.0233 452 TYR A CD2 
54  C CE1 . TYR A 12 ? 0.4522 0.4883 0.6406 0.0085  -0.1640 -0.0492 452 TYR A CE1 
55  C CE2 . TYR A 12 ? 0.3796 0.4433 0.5944 -0.0047 -0.0907 -0.0267 452 TYR A CE2 
56  C CZ  . TYR A 12 ? 0.4042 0.4606 0.6362 -0.0043 -0.1314 -0.0402 452 TYR A CZ  
57  O OH  . TYR A 12 ? 0.4108 0.4744 0.7010 -0.0145 -0.1416 -0.0450 452 TYR A OH  
58  N N   . PHE A 13 ? 0.3023 0.3152 0.3300 0.0101  -0.0443 -0.0109 453 PHE A N   
59  C CA  . PHE A 13 ? 0.2860 0.2992 0.3089 0.0055  -0.0235 -0.0092 453 PHE A CA  
60  C C   . PHE A 13 ? 0.2859 0.2873 0.2742 -0.0016 -0.0227 -0.0094 453 PHE A C   
61  O O   . PHE A 13 ? 0.2838 0.2871 0.2709 -0.0068 -0.0144 -0.0101 453 PHE A O   
62  C CB  . PHE A 13 ? 0.2865 0.2913 0.3024 0.0146  -0.0098 -0.0067 453 PHE A CB  
63  C CG  . PHE A 13 ? 0.2918 0.2864 0.2875 0.0163  0.0063  -0.0066 453 PHE A CG  
64  C CD1 . PHE A 13 ? 0.2964 0.3003 0.3104 0.0173  0.0234  -0.0026 453 PHE A CD1 
65  C CD2 . PHE A 13 ? 0.2982 0.2702 0.2584 0.0182  0.0024  -0.0102 453 PHE A CD2 
66  C CE1 . PHE A 13 ? 0.3075 0.2946 0.2906 0.0239  0.0381  -0.0014 453 PHE A CE1 
67  C CE2 . PHE A 13 ? 0.3216 0.2775 0.2558 0.0239  0.0097  -0.0126 453 PHE A CE2 
68  C CZ  . PHE A 13 ? 0.3232 0.2850 0.2618 0.0285  0.0285  -0.0079 453 PHE A CZ  
69  N N   . GLN A 14 ? 0.2971 0.2854 0.2617 -0.0003 -0.0288 -0.0063 454 GLN A N   
70  C CA  . GLN A 14 ? 0.2976 0.2771 0.2424 -0.0055 -0.0239 -0.0025 454 GLN A CA  
71  C C   . GLN A 14 ? 0.2985 0.2807 0.2355 -0.0072 -0.0260 -0.0055 454 GLN A C   
72  O O   . GLN A 14 ? 0.2917 0.2739 0.2245 -0.0121 -0.0176 -0.0044 454 GLN A O   
73  C CB  . GLN A 14 ? 0.3174 0.2815 0.2480 -0.0019 -0.0233 0.0068  454 GLN A CB  
74  C CG  . GLN A 14 ? 0.3234 0.2791 0.2648 -0.0029 -0.0229 0.0083  454 GLN A CG  
75  C CD  . GLN A 14 ? 0.3135 0.2681 0.2638 -0.0095 -0.0211 0.0042  454 GLN A CD  
76  O OE1 . GLN A 14 ? 0.3383 0.2941 0.2946 -0.0156 -0.0168 0.0089  454 GLN A OE1 
77  N NE2 . GLN A 14 ? 0.3096 0.2586 0.2576 -0.0049 -0.0248 -0.0043 454 GLN A NE2 
78  N N   . GLY A 15 ? 0.3063 0.2878 0.2429 -0.0017 -0.0408 -0.0108 455 GLY A N   
79  C CA  . GLY A 15 ? 0.3142 0.2920 0.2435 -0.0015 -0.0496 -0.0182 455 GLY A CA  
80  C C   . GLY A 15 ? 0.2913 0.2842 0.2535 -0.0118 -0.0425 -0.0217 455 GLY A C   
81  O O   . GLY A 15 ? 0.2841 0.2726 0.2374 -0.0148 -0.0395 -0.0243 455 GLY A O   
82  N N   . GLN A 16 ? 0.2750 0.2829 0.2732 -0.0144 -0.0365 -0.0198 456 GLN A N   
83  C CA  . GLN A 16 ? 0.2613 0.2789 0.2875 -0.0202 -0.0226 -0.0180 456 GLN A CA  
84  C C   . GLN A 16 ? 0.2510 0.2613 0.2492 -0.0219 -0.0071 -0.0143 456 GLN A C   
85  O O   . GLN A 16 ? 0.2462 0.2557 0.2477 -0.0258 -0.0009 -0.0141 456 GLN A O   
86  C CB  . GLN A 16 ? 0.2629 0.2936 0.3283 -0.0166 -0.0110 -0.0123 456 GLN A CB  
87  C CG  . GLN A 16 ? 0.2889 0.3328 0.4063 -0.0160 -0.0278 -0.0151 456 GLN A CG  
88  C CD  . GLN A 16 ? 0.3142 0.3670 0.4854 -0.0241 -0.0326 -0.0167 456 GLN A CD  
89  O OE1 . GLN A 16 ? 0.3675 0.4110 0.5224 -0.0301 -0.0338 -0.0203 456 GLN A OE1 
90  N NE2 . GLN A 16 ? 0.3369 0.4076 0.5808 -0.0242 -0.0360 -0.0132 456 GLN A NE2 
91  N N   . LEU A 17 ? 0.2466 0.2496 0.2221 -0.0187 -0.0045 -0.0117 457 LEU A N   
92  C CA  . LEU A 17 ? 0.2455 0.2401 0.2028 -0.0196 0.0011  -0.0103 457 LEU A CA  
93  C C   . LEU A 17 ? 0.2410 0.2346 0.1907 -0.0240 -0.0002 -0.0100 457 LEU A C   
94  O O   . LEU A 17 ? 0.2388 0.2307 0.1862 -0.0253 0.0045  -0.0097 457 LEU A O   
95  C CB  . LEU A 17 ? 0.2590 0.2433 0.2058 -0.0164 -0.0033 -0.0095 457 LEU A CB  
96  C CG  . LEU A 17 ? 0.2855 0.2607 0.2258 -0.0069 -0.0003 -0.0113 457 LEU A CG  
97  C CD1 . LEU A 17 ? 0.2921 0.2503 0.2224 -0.0048 -0.0119 -0.0140 457 LEU A CD1 
98  C CD2 . LEU A 17 ? 0.2891 0.2567 0.2168 0.0012  0.0118  -0.0110 457 LEU A CD2 
99  N N   . ASN A 18 ? 0.2455 0.2362 0.1863 -0.0224 -0.0052 -0.0094 458 ASN A N   
100 C CA  . ASN A 18 ? 0.2634 0.2479 0.1895 -0.0207 -0.0013 -0.0079 458 ASN A CA  
101 C C   . ASN A 18 ? 0.2567 0.2417 0.1868 -0.0230 -0.0031 -0.0148 458 ASN A C   
102 O O   . ASN A 18 ? 0.2603 0.2432 0.1870 -0.0235 0.0040  -0.0134 458 ASN A O   
103 C CB  . ASN A 18 ? 0.2938 0.2651 0.1938 -0.0111 -0.0042 -0.0055 458 ASN A CB  
104 C CG  . ASN A 18 ? 0.3404 0.3075 0.2392 -0.0086 0.0036  0.0063  458 ASN A CG  
105 O OD1 . ASN A 18 ? 0.3771 0.3512 0.2996 -0.0154 0.0073  0.0106  458 ASN A OD1 
106 N ND2 . ASN A 18 ? 0.3949 0.3453 0.2637 0.0036  0.0037  0.0114  458 ASN A ND2 
107 N N   . ALA A 19 ? 0.2508 0.2386 0.1973 -0.0245 -0.0132 -0.0211 459 ALA A N   
108 C CA  . ALA A 19 ? 0.2532 0.2395 0.2169 -0.0285 -0.0166 -0.0267 459 ALA A CA  
109 C C   . ALA A 19 ? 0.2384 0.2299 0.2139 -0.0327 -0.0001 -0.0203 459 ALA A C   
110 O O   . ALA A 19 ? 0.2615 0.2469 0.2366 -0.0341 0.0033  -0.0211 459 ALA A O   
111 C CB  . ALA A 19 ? 0.2552 0.2468 0.2552 -0.0309 -0.0317 -0.0323 459 ALA A CB  
112 N N   . MET A 20 ? 0.2299 0.2271 0.2091 -0.0310 0.0091  -0.0141 460 MET A N   
113 C CA  . MET A 20 ? 0.2411 0.2333 0.2148 -0.0281 0.0231  -0.0081 460 MET A CA  
114 C C   . MET A 20 ? 0.2396 0.2249 0.1909 -0.0267 0.0209  -0.0084 460 MET A C   
115 O O   . MET A 20 ? 0.2445 0.2227 0.1906 -0.0245 0.0268  -0.0058 460 MET A O   
116 C CB  . MET A 20 ? 0.2438 0.2336 0.2106 -0.0202 0.0304  -0.0040 460 MET A CB  
117 C CG  . MET A 20 ? 0.2467 0.2452 0.2475 -0.0191 0.0409  0.0011  460 MET A CG  
118 S SD  . MET A 20 ? 0.2926 0.2899 0.2866 -0.0080 0.0461  0.0031  460 MET A SD  
119 C CE  . MET A 20 ? 0.3000 0.2694 0.2432 0.0090  0.0607  0.0074  460 MET A CE  
120 N N   . ALA A 21 ? 0.2358 0.2233 0.1807 -0.0271 0.0136  -0.0097 461 ALA A N   
121 C CA  . ALA A 21 ? 0.2390 0.2248 0.1814 -0.0262 0.0124  -0.0076 461 ALA A CA  
122 C C   . ALA A 21 ? 0.2432 0.2275 0.1845 -0.0262 0.0172  -0.0084 461 ALA A C   
123 O O   . ALA A 21 ? 0.2510 0.2330 0.1942 -0.0239 0.0191  -0.0065 461 ALA A O   
124 C CB  . ALA A 21 ? 0.2394 0.2285 0.1895 -0.0269 0.0092  -0.0041 461 ALA A CB  
125 N N   . HIS A 22 ? 0.2461 0.2274 0.1818 -0.0262 0.0158  -0.0127 462 HIS A N   
126 C CA  . HIS A 22 ? 0.2664 0.2376 0.1936 -0.0231 0.0169  -0.0168 462 HIS A CA  
127 C C   . HIS A 22 ? 0.2702 0.2380 0.2096 -0.0268 0.0189  -0.0176 462 HIS A C   
128 O O   . HIS A 22 ? 0.2812 0.2419 0.2164 -0.0236 0.0230  -0.0173 462 HIS A O   
129 C CB  . HIS A 22 ? 0.2888 0.2474 0.1995 -0.0188 0.0062  -0.0256 462 HIS A CB  
130 C CG  . HIS A 22 ? 0.3052 0.2570 0.1890 -0.0086 0.0102  -0.0216 462 HIS A CG  
131 N ND1 . HIS A 22 ? 0.2993 0.2463 0.1699 0.0006  0.0270  -0.0132 462 HIS A ND1 
132 C CD2 . HIS A 22 ? 0.3139 0.2610 0.1832 -0.0040 0.0029  -0.0219 462 HIS A CD2 
133 C CE1 . HIS A 22 ? 0.3170 0.2552 0.1651 0.0108  0.0341  -0.0063 462 HIS A CE1 
134 N NE2 . HIS A 22 ? 0.3294 0.2656 0.1717 0.0085  0.0180  -0.0121 462 HIS A NE2 
135 N N   . GLN A 23 ? 0.2795 0.2508 0.2357 -0.0314 0.0196  -0.0159 463 GLN A N   
136 C CA  . GLN A 23 ? 0.3008 0.2653 0.2707 -0.0328 0.0281  -0.0114 463 GLN A CA  
137 C C   . GLN A 23 ? 0.2918 0.2506 0.2435 -0.0259 0.0362  -0.0041 463 GLN A C   
138 O O   . GLN A 23 ? 0.3013 0.2492 0.2516 -0.0235 0.0414  -0.0010 463 GLN A O   
139 C CB  . GLN A 23 ? 0.3111 0.2801 0.3127 -0.0370 0.0339  -0.0067 463 GLN A CB  
140 C CG  . GLN A 23 ? 0.3587 0.3333 0.3550 -0.0317 0.0442  0.0008  463 GLN A CG  
141 C CD  . GLN A 23 ? 0.3609 0.3423 0.4009 -0.0342 0.0553  0.0081  463 GLN A CD  
142 O OE1 . GLN A 23 ? 0.4289 0.4220 0.4981 -0.0397 0.0425  0.0021  463 GLN A OE1 
143 N NE2 . GLN A 23 ? 0.4173 0.3898 0.4648 -0.0281 0.0801  0.0229  463 GLN A NE2 
144 N N   . ILE A 24 ? 0.2676 0.2299 0.2050 -0.0213 0.0328  -0.0028 464 ILE A N   
145 C CA  . ILE A 24 ? 0.2787 0.2309 0.1979 -0.0123 0.0296  0.0003  464 ILE A CA  
146 C C   . ILE A 24 ? 0.2865 0.2426 0.2136 -0.0120 0.0239  -0.0014 464 ILE A C   
147 O O   . ILE A 24 ? 0.3077 0.2538 0.2280 -0.0051 0.0230  0.0013  464 ILE A O   
148 C CB  . ILE A 24 ? 0.2762 0.2253 0.1818 -0.0065 0.0194  -0.0015 464 ILE A CB  
149 C CG1 . ILE A 24 ? 0.2905 0.2294 0.1803 0.0002  0.0312  0.0026  464 ILE A CG1 
150 C CG2 . ILE A 24 ? 0.2979 0.2337 0.1895 0.0039  0.0039  -0.0028 464 ILE A CG2 
151 C CD1 . ILE A 24 ? 0.3188 0.2484 0.1887 0.0082  0.0209  -0.0017 464 ILE A CD1 
152 N N   . GLN A 25 ? 0.2837 0.2520 0.2236 -0.0163 0.0229  -0.0039 465 GLN A N   
153 C CA  . GLN A 25 ? 0.2946 0.2669 0.2459 -0.0128 0.0253  -0.0020 465 GLN A CA  
154 C C   . GLN A 25 ? 0.3114 0.2725 0.2556 -0.0096 0.0320  -0.0037 465 GLN A C   
155 O O   . GLN A 25 ? 0.3269 0.2873 0.2789 -0.0030 0.0339  -0.0009 465 GLN A O   
156 C CB  . GLN A 25 ? 0.2956 0.2767 0.2543 -0.0130 0.0316  0.0001  465 GLN A CB  
157 C CG  . GLN A 25 ? 0.2888 0.2756 0.2675 -0.0057 0.0416  0.0073  465 GLN A CG  
158 C CD  . GLN A 25 ? 0.2973 0.2861 0.2766 -0.0007 0.0572  0.0146  465 GLN A CD  
159 O OE1 . GLN A 25 ? 0.3207 0.3204 0.3345 0.0035  0.0688  0.0266  465 GLN A OE1 
160 N NE2 . GLN A 25 ? 0.2983 0.2749 0.2425 0.0010  0.0583  0.0090  465 GLN A NE2 
161 N N   . GLU A 26 ? 0.3792 0.2772 0.3957 -0.0321 0.0417  -0.0331 466 GLU A N   
162 C CA  . GLU A 26 ? 0.4129 0.2832 0.4355 -0.0367 0.0526  -0.0391 466 GLU A CA  
163 C C   . GLU A 26 ? 0.4156 0.2670 0.4379 -0.0296 0.0671  -0.0215 466 GLU A C   
164 O O   . GLU A 26 ? 0.4380 0.2642 0.4557 -0.0234 0.0778  -0.0192 466 GLU A O   
165 C CB  . GLU A 26 ? 0.4306 0.3013 0.4726 -0.0535 0.0520  -0.0537 466 GLU A CB  
166 C CG  . GLU A 26 ? 0.4896 0.3672 0.5310 -0.0600 0.0409  -0.0763 466 GLU A CG  
167 C CD  . GLU A 26 ? 0.5496 0.4234 0.6157 -0.0783 0.0425  -0.0932 466 GLU A CD  
168 O OE1 . GLU A 26 ? 0.5685 0.4668 0.6524 -0.0869 0.0365  -0.0952 466 GLU A OE1 
169 O OE2 . GLU A 26 ? 0.6154 0.4614 0.6848 -0.0844 0.0507  -0.1047 466 GLU A OE2 
170 N N   . MET A 27 ? 0.3890 0.2520 0.4141 -0.0286 0.0679  -0.0088 467 MET A N   
171 C CA  . MET A 27 ? 0.4084 0.2569 0.4291 -0.0192 0.0808  0.0095  467 MET A CA  
172 C C   . MET A 27 ? 0.3835 0.2407 0.3882 -0.0017 0.0772  0.0222  467 MET A C   
173 O O   . MET A 27 ? 0.3931 0.2355 0.3906 0.0108  0.0877  0.0358  467 MET A O   
174 C CB  . MET A 27 ? 0.4015 0.2602 0.4286 -0.0237 0.0833  0.0174  467 MET A CB  
175 C CG  . MET A 27 ? 0.4678 0.3031 0.5075 -0.0301 0.1016  0.0225  467 MET A CG  
176 S SD  . MET A 27 ? 0.4631 0.3161 0.5091 -0.0337 0.1041  0.0312  467 MET A SD  
177 C CE  . MET A 27 ? 0.4940 0.3538 0.5731 -0.0573 0.1037  0.0115  467 MET A CE  
178 N N   . PHE A 28 ? 0.3380 0.2199 0.3384 -0.0004 0.0631  0.0178  468 PHE A N   
179 C CA  . PHE A 28 ? 0.3246 0.2220 0.3160 0.0128  0.0576  0.0272  468 PHE A CA  
180 C C   . PHE A 28 ? 0.3140 0.2209 0.3046 0.0142  0.0511  0.0191  468 PHE A C   
181 O O   . PHE A 28 ? 0.2992 0.2273 0.2900 0.0123  0.0413  0.0167  468 PHE A O   
182 C CB  . PHE A 28 ? 0.3041 0.2236 0.2924 0.0124  0.0489  0.0317  468 PHE A CB  
183 C CG  . PHE A 28 ? 0.3038 0.2158 0.2884 0.0146  0.0564  0.0418  468 PHE A CG  
184 C CD1 . PHE A 28 ? 0.3403 0.2484 0.3144 0.0296  0.0620  0.0562  468 PHE A CD1 
185 C CD2 . PHE A 28 ? 0.2965 0.2070 0.2878 0.0034  0.0589  0.0379  468 PHE A CD2 
186 C CE1 . PHE A 28 ? 0.3744 0.2740 0.3408 0.0341  0.0710  0.0673  468 PHE A CE1 
187 C CE2 . PHE A 28 ? 0.3223 0.2255 0.3100 0.0063  0.0687  0.0486  468 PHE A CE2 
188 C CZ  . PHE A 28 ? 0.3522 0.2482 0.3257 0.0220  0.0754  0.0637  468 PHE A CZ  
189 N N   . PRO A 29 ? 0.3395 0.2284 0.3287 0.0184  0.0583  0.0152  469 PRO A N   
190 C CA  . PRO A 29 ? 0.3346 0.2309 0.3208 0.0210  0.0543  0.0077  469 PRO A CA  
191 C C   . PRO A 29 ? 0.3268 0.2458 0.3146 0.0317  0.0508  0.0172  469 PRO A C   
192 O O   . PRO A 29 ? 0.3261 0.2558 0.3136 0.0328  0.0483  0.0130  469 PRO A O   
193 C CB  . PRO A 29 ? 0.3650 0.2330 0.3470 0.0248  0.0652  0.0019  469 PRO A CB  
194 C CG  . PRO A 29 ? 0.3829 0.2317 0.3666 0.0304  0.0764  0.0135  469 PRO A CG  
195 C CD  . PRO A 29 ? 0.3718 0.2299 0.3606 0.0218  0.0724  0.0177  469 PRO A CD  
196 N N   . GLN A 30 ? 0.3254 0.2530 0.3149 0.0397  0.0507  0.0295  470 GLN A N   
197 C CA  . GLN A 30 ? 0.3127 0.2673 0.3085 0.0486  0.0452  0.0365  470 GLN A CA  
198 C C   . GLN A 30 ? 0.2854 0.2641 0.2859 0.0394  0.0337  0.0334  470 GLN A C   
199 O O   . GLN A 30 ? 0.2841 0.2872 0.2940 0.0426  0.0282  0.0359  470 GLN A O   
200 C CB  . GLN A 30 ? 0.3399 0.2971 0.3341 0.0641  0.0484  0.0501  470 GLN A CB  
201 C CG  . GLN A 30 ? 0.3676 0.3285 0.3554 0.0635  0.0442  0.0561  470 GLN A CG  
202 C CD  . GLN A 30 ? 0.4331 0.3620 0.4126 0.0617  0.0558  0.0592  470 GLN A CD  
203 O OE1 . GLN A 30 ? 0.4355 0.3452 0.4170 0.0494  0.0604  0.0494  470 GLN A OE1 
204 N NE2 . GLN A 30 ? 0.4700 0.3941 0.4406 0.0745  0.0609  0.0729  470 GLN A NE2 
205 N N   . VAL A 31 ? 0.2655 0.2375 0.2617 0.0280  0.0308  0.0277  471 VAL A N   
206 C CA  . VAL A 31 ? 0.2452 0.2340 0.2435 0.0199  0.0220  0.0244  471 VAL A CA  
207 C C   . VAL A 31 ? 0.2344 0.2233 0.2339 0.0123  0.0213  0.0162  471 VAL A C   
208 O O   . VAL A 31 ? 0.2465 0.2216 0.2407 0.0086  0.0239  0.0104  471 VAL A O   
209 C CB  . VAL A 31 ? 0.2468 0.2303 0.2384 0.0154  0.0204  0.0255  471 VAL A CB  
210 C CG1 . VAL A 31 ? 0.2385 0.2364 0.2303 0.0089  0.0124  0.0215  471 VAL A CG1 
211 C CG2 . VAL A 31 ? 0.2672 0.2485 0.2530 0.0262  0.0233  0.0359  471 VAL A CG2 
212 N N   . PRO A 32 ? 0.2264 0.2311 0.2329 0.0103  0.0184  0.0155  472 PRO A N   
213 C CA  . PRO A 32 ? 0.2212 0.2236 0.2258 0.0063  0.0207  0.0108  472 PRO A CA  
214 C C   . PRO A 32 ? 0.2122 0.2060 0.2078 0.0002  0.0181  0.0058  472 PRO A C   
215 O O   . PRO A 32 ? 0.2103 0.2066 0.2056 -0.0041 0.0141  0.0060  472 PRO A O   
216 C CB  . PRO A 32 ? 0.2148 0.2336 0.2312 0.0030  0.0195  0.0121  472 PRO A CB  
217 C CG  . PRO A 32 ? 0.2378 0.2724 0.2655 0.0069  0.0159  0.0160  472 PRO A CG  
218 C CD  . PRO A 32 ? 0.2232 0.2492 0.2410 0.0118  0.0136  0.0187  472 PRO A CD  
219 N N   . TYR A 33 ? 0.2060 0.1921 0.1937 0.0014  0.0203  0.0010  473 TYR A N   
220 C CA  . TYR A 33 ? 0.2057 0.1894 0.1870 -0.0024 0.0167  -0.0041 473 TYR A CA  
221 C C   . TYR A 33 ? 0.1971 0.1873 0.1789 -0.0052 0.0152  -0.0015 473 TYR A C   
222 O O   . TYR A 33 ? 0.1991 0.1900 0.1806 -0.0086 0.0121  -0.0025 473 TYR A O   
223 C CB  . TYR A 33 ? 0.2238 0.2030 0.1943 0.0018  0.0175  -0.0106 473 TYR A CB  
224 C CG  . TYR A 33 ? 0.2239 0.2067 0.1896 -0.0003 0.0117  -0.0169 473 TYR A CG  
225 C CD1 . TYR A 33 ? 0.2285 0.2092 0.1984 -0.0053 0.0078  -0.0252 473 TYR A CD1 
226 C CD2 . TYR A 33 ? 0.2290 0.2180 0.1880 0.0033  0.0111  -0.0141 473 TYR A CD2 
227 C CE1 . TYR A 33 ? 0.2339 0.2245 0.2044 -0.0074 0.0013  -0.0317 473 TYR A CE1 
228 C CE2 . TYR A 33 ? 0.2364 0.2330 0.1919 0.0041  0.0051  -0.0187 473 TYR A CE2 
229 C CZ  . TYR A 33 ? 0.2495 0.2497 0.2122 -0.0014 -0.0008 -0.0281 473 TYR A CZ  
230 O OH  . TYR A 33 ? 0.2675 0.2815 0.2316 -0.0006 -0.0077 -0.0334 473 TYR A OH  
231 N N   . HIS A 34 ? 0.2050 0.1983 0.1889 -0.0039 0.0193  0.0021  474 HIS A N   
232 C CA  . HIS A 34 ? 0.2002 0.1938 0.1843 -0.0070 0.0203  0.0037  474 HIS A CA  
233 C C   . HIS A 34 ? 0.2003 0.1970 0.1899 -0.0128 0.0158  0.0029  474 HIS A C   
234 O O   . HIS A 34 ? 0.2112 0.2042 0.1965 -0.0145 0.0156  0.0022  474 HIS A O   
235 C CB  . HIS A 34 ? 0.2049 0.1986 0.1937 -0.0062 0.0286  0.0077  474 HIS A CB  
236 C CG  . HIS A 34 ? 0.1929 0.1966 0.1991 -0.0109 0.0291  0.0086  474 HIS A CG  
237 N ND1 . HIS A 34 ? 0.1963 0.2074 0.2095 -0.0071 0.0302  0.0102  474 HIS A ND1 
238 C CD2 . HIS A 34 ? 0.1958 0.2052 0.2151 -0.0189 0.0284  0.0071  474 HIS A CD2 
239 C CE1 . HIS A 34 ? 0.1950 0.2202 0.2267 -0.0115 0.0292  0.0107  474 HIS A CE1 
240 N NE2 . HIS A 34 ? 0.1967 0.2215 0.2328 -0.0198 0.0273  0.0075  474 HIS A NE2 
241 N N   . LEU A 35 ? 0.1945 0.1976 0.1909 -0.0135 0.0126  0.0034  475 LEU A N   
242 C CA  . LEU A 35 ? 0.2010 0.2078 0.1974 -0.0164 0.0075  0.0025  475 LEU A CA  
243 C C   . LEU A 35 ? 0.1999 0.2004 0.1875 -0.0153 0.0066  0.0028  475 LEU A C   
244 O O   . LEU A 35 ? 0.2145 0.2138 0.1970 -0.0168 0.0052  0.0016  475 LEU A O   
245 C CB  . LEU A 35 ? 0.1981 0.2167 0.2018 -0.0140 0.0037  0.0042  475 LEU A CB  
246 C CG  . LEU A 35 ? 0.2186 0.2507 0.2374 -0.0169 0.0034  0.0028  475 LEU A CG  
247 C CD1 . LEU A 35 ? 0.2188 0.2683 0.2445 -0.0120 -0.0032 0.0044  475 LEU A CD1 
248 C CD2 . LEU A 35 ? 0.2318 0.2632 0.2544 -0.0257 0.0030  -0.0032 475 LEU A CD2 
249 N N   . VAL A 36 ? 0.2001 0.1962 0.1875 -0.0131 0.0084  0.0035  476 VAL A N   
250 C CA  . VAL A 36 ? 0.2034 0.1951 0.1887 -0.0141 0.0093  0.0033  476 VAL A CA  
251 C C   . VAL A 36 ? 0.2002 0.1935 0.1836 -0.0155 0.0089  0.0006  476 VAL A C   
252 O O   . VAL A 36 ? 0.2062 0.2000 0.1880 -0.0161 0.0098  0.0016  476 VAL A O   
253 C CB  . VAL A 36 ? 0.2086 0.1939 0.1977 -0.0140 0.0119  0.0017  476 VAL A CB  
254 C CG1 . VAL A 36 ? 0.2103 0.1936 0.2042 -0.0181 0.0139  -0.0001 476 VAL A CG1 
255 C CG2 . VAL A 36 ? 0.2268 0.2081 0.2166 -0.0097 0.0146  0.0068  476 VAL A CG2 
256 N N   . LEU A 37 ? 0.2017 0.1958 0.1833 -0.0138 0.0088  -0.0016 477 LEU A N   
257 C CA  . LEU A 37 ? 0.2001 0.1968 0.1780 -0.0115 0.0088  -0.0025 477 LEU A CA  
258 C C   . LEU A 37 ? 0.2053 0.1979 0.1793 -0.0114 0.0113  -0.0001 477 LEU A C   
259 O O   . LEU A 37 ? 0.2094 0.2028 0.1813 -0.0093 0.0123  0.0003  477 LEU A O   
260 C CB  . LEU A 37 ? 0.2043 0.2023 0.1764 -0.0062 0.0087  -0.0039 477 LEU A CB  
261 C CG  . LEU A 37 ? 0.2083 0.2115 0.1743 0.0005  0.0081  -0.0035 477 LEU A CG  
262 C CD1 . LEU A 37 ? 0.2030 0.2180 0.1773 -0.0010 0.0031  -0.0078 477 LEU A CD1 
263 C CD2 . LEU A 37 ? 0.2405 0.2447 0.1956 0.0087  0.0083  -0.0038 477 LEU A CD2 
264 N N   . GLN A 38 ? 0.2052 0.1940 0.1797 -0.0140 0.0126  0.0003  478 GLN A N   
265 C CA  . GLN A 38 ? 0.2134 0.1959 0.1850 -0.0162 0.0147  -0.0008 478 GLN A CA  
266 C C   . GLN A 38 ? 0.2118 0.1950 0.1792 -0.0167 0.0125  -0.0021 478 GLN A C   
267 O O   . GLN A 38 ? 0.2177 0.1947 0.1786 -0.0148 0.0154  -0.0030 478 GLN A O   
268 C CB  . GLN A 38 ? 0.2222 0.2043 0.2006 -0.0214 0.0155  -0.0026 478 GLN A CB  
269 C CG  . GLN A 38 ? 0.2582 0.2345 0.2385 -0.0199 0.0231  0.0005  478 GLN A CG  
270 C CD  . GLN A 38 ? 0.3041 0.2841 0.2978 -0.0259 0.0257  -0.0003 478 GLN A CD  
271 O OE1 . GLN A 38 ? 0.3126 0.3007 0.3155 -0.0323 0.0204  -0.0053 478 GLN A OE1 
272 N NE2 . GLN A 38 ? 0.3614 0.3379 0.3567 -0.0227 0.0341  0.0047  478 GLN A NE2 
273 N N   . ASP A 39 ? 0.2028 0.1917 0.1721 -0.0171 0.0090  -0.0011 479 ASP A N   
274 C CA  . ASP A 39 ? 0.2024 0.1909 0.1645 -0.0152 0.0091  -0.0003 479 ASP A CA  
275 C C   . ASP A 39 ? 0.2019 0.1902 0.1645 -0.0126 0.0137  0.0021  479 ASP A C   
276 O O   . ASP A 39 ? 0.2098 0.1952 0.1651 -0.0098 0.0169  0.0024  479 ASP A O   
277 C CB  . ASP A 39 ? 0.2042 0.1969 0.1664 -0.0133 0.0071  0.0033  479 ASP A CB  
278 C CG  . ASP A 39 ? 0.2355 0.2272 0.1847 -0.0091 0.0074  0.0047  479 ASP A CG  
279 O OD1 . ASP A 39 ? 0.2613 0.2536 0.2019 -0.0093 0.0031  -0.0011 479 ASP A OD1 
280 O OD2 . ASP A 39 ? 0.2390 0.2285 0.1862 -0.0054 0.0128  0.0111  479 ASP A OD2 
281 N N   . LEU A 40 ? 0.1865 0.1797 0.1586 -0.0132 0.0138  0.0028  480 LEU A N   
282 C CA  . LEU A 40 ? 0.1894 0.1893 0.1681 -0.0117 0.0165  0.0035  480 LEU A CA  
283 C C   . LEU A 40 ? 0.1905 0.1901 0.1641 -0.0064 0.0186  0.0035  480 LEU A C   
284 O O   . LEU A 40 ? 0.1964 0.2028 0.1744 -0.0031 0.0220  0.0053  480 LEU A O   
285 C CB  . LEU A 40 ? 0.1807 0.1884 0.1709 -0.0142 0.0135  0.0005  480 LEU A CB  
286 C CG  . LEU A 40 ? 0.1855 0.1911 0.1845 -0.0192 0.0152  0.0004  480 LEU A CG  
287 C CD1 . LEU A 40 ? 0.1944 0.2043 0.2013 -0.0222 0.0110  -0.0064 480 LEU A CD1 
288 C CD2 . LEU A 40 ? 0.1875 0.1955 0.1957 -0.0213 0.0221  0.0040  480 LEU A CD2 
289 N N   . GLN A 41 ? 0.2026 0.1941 0.1686 -0.0050 0.0184  0.0025  481 GLN A N   
290 C CA  . GLN A 41 ? 0.2093 0.1949 0.1685 0.0016  0.0233  0.0040  481 GLN A CA  
291 C C   . GLN A 41 ? 0.2220 0.2000 0.1734 0.0031  0.0278  0.0033  481 GLN A C   
292 O O   . GLN A 41 ? 0.2383 0.2156 0.1870 0.0106  0.0331  0.0057  481 GLN A O   
293 C CB  . GLN A 41 ? 0.2198 0.1926 0.1729 0.0018  0.0258  0.0039  481 GLN A CB  
294 C CG  . GLN A 41 ? 0.2399 0.2183 0.1957 0.0036  0.0236  0.0057  481 GLN A CG  
295 C CD  . GLN A 41 ? 0.2385 0.2275 0.1927 0.0141  0.0229  0.0087  481 GLN A CD  
296 O OE1 . GLN A 41 ? 0.2459 0.2390 0.1996 0.0209  0.0251  0.0110  481 GLN A OE1 
297 N NE2 . GLN A 41 ? 0.2597 0.2552 0.2125 0.0171  0.0197  0.0087  481 GLN A NE2 
298 N N   . LEU A 42 ? 0.2201 0.1862 0.2176 -0.0110 0.0031  0.0063  482 LEU A N   
299 C CA  . LEU A 42 ? 0.2472 0.1963 0.2308 -0.0103 -0.0043 -0.0021 482 LEU A CA  
300 C C   . LEU A 42 ? 0.2446 0.1917 0.2106 -0.0039 0.0042  -0.0076 482 LEU A C   
301 O O   . LEU A 42 ? 0.2745 0.2105 0.2263 0.0029  0.0065  -0.0124 482 LEU A O   
302 C CB  . LEU A 42 ? 0.2625 0.2063 0.2501 -0.0148 -0.0171 0.0000  482 LEU A CB  
303 C CG  . LEU A 42 ? 0.3173 0.2564 0.3268 -0.0218 -0.0319 0.0074  482 LEU A CG  
304 C CD1 . LEU A 42 ? 0.3444 0.3081 0.3845 -0.0254 -0.0253 0.0247  482 LEU A CD1 
305 C CD2 . LEU A 42 ? 0.4024 0.3226 0.4072 -0.0249 -0.0520 0.0043  482 LEU A CD2 
306 N N   . THR A 43 ? 0.2271 0.1851 0.1953 -0.0045 0.0093  -0.0047 483 THR A N   
307 C CA  . THR A 43 ? 0.2310 0.1898 0.1901 0.0002  0.0161  -0.0052 483 THR A CA  
308 C C   . THR A 43 ? 0.2256 0.1915 0.1953 0.0018  0.0230  -0.0012 483 THR A C   
309 O O   . THR A 43 ? 0.2308 0.1987 0.2004 0.0070  0.0303  0.0027  483 THR A O   
310 C CB  . THR A 43 ? 0.2258 0.1904 0.1850 -0.0018 0.0155  -0.0028 483 THR A CB  
311 O OG1 . THR A 43 ? 0.2161 0.1887 0.1859 -0.0037 0.0156  0.0005  483 THR A OG1 
312 C CG2 . THR A 43 ? 0.2474 0.2074 0.2029 -0.0045 0.0066  -0.0040 483 THR A CG2 
313 N N   . ARG A 44 ? 0.2047 0.1748 0.1847 -0.0014 0.0202  0.0000  484 ARG A N   
314 C CA  . ARG A 44 ? 0.2055 0.1784 0.1971 -0.0010 0.0202  0.0036  484 ARG A CA  
315 C C   . ARG A 44 ? 0.2031 0.1796 0.2029 -0.0016 0.0196  0.0092  484 ARG A C   
316 O O   . ARG A 44 ? 0.2090 0.1894 0.2259 -0.0017 0.0199  0.0164  484 ARG A O   
317 C CB  . ARG A 44 ? 0.2043 0.1768 0.2013 0.0016  0.0246  0.0045  484 ARG A CB  
318 C CG  . ARG A 44 ? 0.2129 0.1794 0.2037 0.0012  0.0224  -0.0001 484 ARG A CG  
319 C CD  . ARG A 44 ? 0.2241 0.1876 0.2185 0.0050  0.0257  0.0000  484 ARG A CD  
320 N NE  . ARG A 44 ? 0.2282 0.1894 0.2155 0.0132  0.0338  0.0013  484 ARG A NE  
321 C CZ  . ARG A 44 ? 0.2452 0.1978 0.2240 0.0216  0.0377  -0.0006 484 ARG A CZ  
322 N NH1 . ARG A 44 ? 0.2458 0.1908 0.2255 0.0198  0.0320  -0.0047 484 ARG A NH1 
323 N NH2 . ARG A 44 ? 0.2542 0.2048 0.2213 0.0344  0.0482  0.0028  484 ARG A NH2 
324 N N   . SER A 45 ? 0.2083 0.1842 0.2004 -0.0023 0.0179  0.0080  485 SER A N   
325 C CA  . SER A 45 ? 0.2115 0.1903 0.2117 -0.0032 0.0176  0.0145  485 SER A CA  
326 C C   . SER A 45 ? 0.2083 0.1825 0.2003 -0.0041 0.0108  0.0116  485 SER A C   
327 O O   . SER A 45 ? 0.2163 0.1908 0.1954 -0.0032 0.0131  0.0077  485 SER A O   
328 C CB  . SER A 45 ? 0.2246 0.2079 0.2193 0.0014  0.0288  0.0187  485 SER A CB  
329 O OG  . SER A 45 ? 0.2267 0.2147 0.2294 0.0011  0.0298  0.0272  485 SER A OG  
330 N N   . VAL A 46 ? 0.2138 0.1815 0.2136 -0.0051 0.0001  0.0141  486 VAL A N   
331 C CA  . VAL A 46 ? 0.2185 0.1788 0.2086 -0.0034 -0.0070 0.0117  486 VAL A CA  
332 C C   . VAL A 46 ? 0.2206 0.1889 0.2110 -0.0051 0.0003  0.0158  486 VAL A C   
333 O O   . VAL A 46 ? 0.2219 0.1893 0.1994 -0.0031 0.0008  0.0122  486 VAL A O   
334 C CB  . VAL A 46 ? 0.2397 0.1844 0.2371 -0.0036 -0.0248 0.0134  486 VAL A CB  
335 C CG1 . VAL A 46 ? 0.2552 0.1904 0.2428 -0.0009 -0.0322 0.0119  486 VAL A CG1 
336 C CG2 . VAL A 46 ? 0.2485 0.1779 0.2316 0.0029  -0.0347 0.0063  486 VAL A CG2 
337 N N   . GLU A 47 ? 0.2185 0.1953 0.2239 -0.0069 0.0068  0.0255  487 GLU A N   
338 C CA  . GLU A 47 ? 0.2195 0.2019 0.2211 -0.0053 0.0143  0.0310  487 GLU A CA  
339 C C   . GLU A 47 ? 0.2247 0.2060 0.2020 -0.0016 0.0207  0.0225  487 GLU A C   
340 O O   . GLU A 47 ? 0.2288 0.2082 0.1953 -0.0011 0.0189  0.0205  487 GLU A O   
341 C CB  . GLU A 47 ? 0.2301 0.2236 0.2512 -0.0032 0.0242  0.0472  487 GLU A CB  
342 C CG  . GLU A 47 ? 0.2815 0.2798 0.2938 0.0021  0.0337  0.0547  487 GLU A CG  
343 C CD  . GLU A 47 ? 0.3689 0.3818 0.4011 0.0086  0.0478  0.0762  487 GLU A CD  
344 O OE1 . GLU A 47 ? 0.4253 0.4414 0.4441 0.0172  0.0588  0.0838  487 GLU A OE1 
345 O OE2 . GLU A 47 ? 0.3787 0.4002 0.4407 0.0065  0.0483  0.0877  487 GLU A OE2 
346 N N   . ILE A 48 ? 0.2231 0.2034 0.1935 0.0008  0.0247  0.0180  488 ILE A N   
347 C CA  . ILE A 48 ? 0.2416 0.2152 0.1916 0.0035  0.0243  0.0105  488 ILE A CA  
348 C C   . ILE A 48 ? 0.2307 0.2036 0.1808 -0.0012 0.0158  0.0055  488 ILE A C   
349 O O   . ILE A 48 ? 0.2380 0.2079 0.1799 -0.0013 0.0115  0.0039  488 ILE A O   
350 C CB  . ILE A 48 ? 0.2522 0.2201 0.1940 0.0081  0.0275  0.0069  488 ILE A CB  
351 C CG1 . ILE A 48 ? 0.2752 0.2461 0.2154 0.0176  0.0401  0.0155  488 ILE A CG1 
352 C CG2 . ILE A 48 ? 0.2710 0.2249 0.1921 0.0103  0.0196  -0.0012 488 ILE A CG2 
353 C CD1 . ILE A 48 ? 0.2855 0.2505 0.2183 0.0249  0.0448  0.0129  488 ILE A CD1 
354 N N   . THR A 49 ? 0.2211 0.1967 0.1807 -0.0030 0.0137  0.0051  489 THR A N   
355 C CA  . THR A 49 ? 0.2186 0.1971 0.1796 -0.0029 0.0102  0.0053  489 THR A CA  
356 C C   . THR A 49 ? 0.2223 0.2017 0.1806 -0.0012 0.0082  0.0073  489 THR A C   
357 O O   . THR A 49 ? 0.2220 0.2058 0.1818 -0.0009 0.0066  0.0098  489 THR A O   
358 C CB  . THR A 49 ? 0.2146 0.1940 0.1792 0.0001  0.0109  0.0059  489 THR A CB  
359 O OG1 . THR A 49 ? 0.2149 0.1950 0.1841 -0.0025 0.0118  0.0052  489 THR A OG1 
360 C CG2 . THR A 49 ? 0.2163 0.2011 0.1809 0.0060  0.0119  0.0108  489 THR A CG2 
361 N N   . THR A 50 ? 0.2186 0.1939 0.1769 -0.0006 0.0070  0.0081  490 THR A N   
362 C CA  . THR A 50 ? 0.2245 0.1979 0.1800 0.0009  0.0037  0.0099  490 THR A CA  
363 C C   . THR A 50 ? 0.2250 0.2017 0.1762 -0.0011 0.0053  0.0114  490 THR A C   
364 O O   . THR A 50 ? 0.2301 0.2085 0.1793 0.0001  0.0027  0.0126  490 THR A O   
365 C CB  . THR A 50 ? 0.2247 0.1904 0.1863 0.0003  -0.0021 0.0125  490 THR A CB  
366 O OG1 . THR A 50 ? 0.2338 0.1899 0.1935 0.0039  -0.0090 0.0091  490 THR A OG1 
367 C CG2 . THR A 50 ? 0.2436 0.2044 0.2021 0.0021  -0.0075 0.0142  490 THR A CG2 
368 N N   . ASP A 51 ? 0.2258 0.2015 0.1726 -0.0017 0.0094  0.0119  491 ASP A N   
369 C CA  . ASP A 51 ? 0.2345 0.2062 0.1672 0.0004  0.0085  0.0114  491 ASP A CA  
370 C C   . ASP A 51 ? 0.2372 0.2076 0.1701 -0.0022 0.0001  0.0081  491 ASP A C   
371 O O   . ASP A 51 ? 0.2465 0.2161 0.1770 -0.0026 -0.0059 0.0094  491 ASP A O   
372 C CB  . ASP A 51 ? 0.2468 0.2122 0.1658 0.0060  0.0142  0.0108  491 ASP A CB  
373 C CG  . ASP A 51 ? 0.2628 0.2334 0.1853 0.0110  0.0254  0.0210  491 ASP A CG  
374 O OD1 . ASP A 51 ? 0.2549 0.2320 0.1924 0.0077  0.0252  0.0284  491 ASP A OD1 
375 O OD2 . ASP A 51 ? 0.2905 0.2582 0.2018 0.0198  0.0339  0.0234  491 ASP A OD2 
376 N N   . ASN A 52 ? 0.2336 0.2050 0.1740 -0.0042 -0.0013 0.0063  492 ASN A N   
377 C CA  . ASN A 52 ? 0.2402 0.2130 0.1911 -0.0079 -0.0105 0.0082  492 ASN A CA  
378 C C   . ASN A 52 ? 0.2352 0.2208 0.2017 -0.0078 -0.0106 0.0162  492 ASN A C   
379 O O   . ASN A 52 ? 0.2445 0.2321 0.2209 -0.0106 -0.0197 0.0213  492 ASN A O   
380 C CB  . ASN A 52 ? 0.2363 0.2101 0.1970 -0.0098 -0.0103 0.0082  492 ASN A CB  
381 C CG  . ASN A 52 ? 0.2683 0.2258 0.2127 -0.0083 -0.0140 0.0007  492 ASN A CG  
382 O OD1 . ASN A 52 ? 0.3047 0.2473 0.2284 -0.0044 -0.0200 -0.0040 492 ASN A OD1 
383 N ND2 . ASN A 52 ? 0.2500 0.2079 0.1997 -0.0085 -0.0104 -0.0005 492 ASN A ND2 
384 N N   . ILE A 53 ? 0.2283 0.2201 0.1957 -0.0029 -0.0021 0.0179  493 ILE A N   
385 C CA  . ILE A 53 ? 0.2294 0.2304 0.2042 0.0029  0.0003  0.0253  493 ILE A CA  
386 C C   . ILE A 53 ? 0.2412 0.2399 0.2114 0.0019  -0.0043 0.0254  493 ILE A C   
387 O O   . ILE A 53 ? 0.2418 0.2490 0.2246 0.0025  -0.0075 0.0335  493 ILE A O   
388 C CB  . ILE A 53 ? 0.2265 0.2242 0.1913 0.0127  0.0067  0.0238  493 ILE A CB  
389 C CG1 . ILE A 53 ? 0.2223 0.2230 0.1903 0.0163  0.0116  0.0259  493 ILE A CG1 
390 C CG2 . ILE A 53 ? 0.2453 0.2472 0.2084 0.0238  0.0097  0.0302  493 ILE A CG2 
391 C CD1 . ILE A 53 ? 0.2543 0.2429 0.2044 0.0266  0.0130  0.0209  493 ILE A CD1 
392 N N   . LEU A 54 ? 0.1810 0.2580 0.1673 -0.0124 -0.0254 0.0294  494 LEU A N   
393 C CA  . LEU A 54 ? 0.1807 0.2523 0.1846 -0.0041 -0.0246 0.0183  494 LEU A CA  
394 C C   . LEU A 54 ? 0.2102 0.2588 0.2117 -0.0104 -0.0411 0.0277  494 LEU A C   
395 O O   . LEU A 54 ? 0.2325 0.2801 0.2559 -0.0131 -0.0577 0.0338  494 LEU A O   
396 C CB  . LEU A 54 ? 0.1869 0.2479 0.1782 0.0009  -0.0226 0.0105  494 LEU A CB  
397 C CG  . LEU A 54 ? 0.1921 0.2722 0.1796 -0.0044 -0.0125 -0.0005 494 LEU A CG  
398 C CD1 . LEU A 54 ? 0.2111 0.2872 0.1912 -0.0066 -0.0133 -0.0045 494 LEU A CD1 
399 C CD2 . LEU A 54 ? 0.2026 0.2834 0.2130 -0.0046 0.0036  -0.0190 494 LEU A CD2 
400 N N   . GLU A 55 ? 0.2342 0.2571 0.2106 -0.0176 -0.0419 0.0314  495 GLU A N   
401 C CA  . GLU A 55 ? 0.2720 0.2617 0.2220 -0.0389 -0.0552 0.0346  495 GLU A CA  
402 C C   . GLU A 55 ? 0.2834 0.2955 0.2593 -0.0537 -0.0682 0.0486  495 GLU A C   
403 O O   . GLU A 55 ? 0.3260 0.3171 0.2826 -0.0808 -0.0876 0.0557  495 GLU A O   
404 C CB  . GLU A 55 ? 0.3103 0.2479 0.2262 -0.0429 -0.0371 0.0192  495 GLU A CB  
405 C CG  . GLU A 55 ? 0.3141 0.2382 0.2161 -0.0384 -0.0134 -0.0023 495 GLU A CG  
406 C CD  . GLU A 55 ? 0.3764 0.2576 0.2834 -0.0357 0.0215  -0.0296 495 GLU A CD  
407 O OE1 . GLU A 55 ? 0.4687 0.3010 0.3533 -0.0508 0.0257  -0.0375 495 GLU A OE1 
408 O OE2 . GLU A 55 ? 0.3303 0.2256 0.2747 -0.0201 0.0488  -0.0473 495 GLU A OE2 
409 N N   . GLY A 56 ? 0.2607 0.3154 0.2724 -0.0474 -0.0547 0.0503  496 GLY A N   
410 C CA  . GLY A 56 ? 0.2752 0.3622 0.3182 -0.0693 -0.0541 0.0585  496 GLY A CA  
411 C C   . GLY A 56 ? 0.3233 0.3693 0.3210 -0.0926 -0.0581 0.0704  496 GLY A C   
412 O O   . GLY A 56 ? 0.3455 0.4031 0.3557 -0.1220 -0.0653 0.0793  496 GLY A O   
413 N N   . ARG A 57 ? 0.3470 0.3457 0.3079 -0.0804 -0.0563 0.0732  497 ARG A N   
414 C CA  . ARG A 57 ? 0.4203 0.3586 0.3536 -0.0955 -0.0645 0.0877  497 ARG A CA  
415 C C   . ARG A 57 ? 0.4575 0.4013 0.3748 -0.1173 -0.0689 0.1152  497 ARG A C   
416 O O   . ARG A 57 ? 0.5226 0.4144 0.4176 -0.1403 -0.0818 0.1362  497 ARG A O   
417 C CB  . ARG A 57 ? 0.4468 0.3234 0.3810 -0.0685 -0.0614 0.0777  497 ARG A CB  
418 C CG  . ARG A 57 ? 0.4759 0.3287 0.3926 -0.0670 -0.0473 0.0455  497 ARG A CG  
419 C CD  . ARG A 57 ? 0.5990 0.3734 0.5192 -0.0570 -0.0257 0.0230  497 ARG A CD  
420 N NE  . ARG A 57 ? 0.6326 0.4041 0.5558 -0.0439 0.0049  -0.0111 497 ARG A NE  
421 C CZ  . ARG A 57 ? 0.7203 0.4348 0.6670 -0.0336 0.0444  -0.0473 497 ARG A CZ  
422 N NH1 . ARG A 57 ? 0.7943 0.4389 0.7712 -0.0275 0.0519  -0.0517 497 ARG A NH1 
423 N NH2 . ARG A 57 ? 0.7328 0.4563 0.6798 -0.0321 0.0825  -0.0828 497 ARG A NH2 
424 N N   . ILE A 58 ? 0.4437 0.4383 0.3577 -0.1200 -0.0585 0.1153  498 ILE A N   
425 C CA  . ILE A 58 ? 0.5203 0.5158 0.3857 -0.1619 -0.0619 0.1415  498 ILE A CA  
426 C C   . ILE A 58 ? 0.5215 0.5858 0.3860 -0.1972 -0.0201 0.1174  498 ILE A C   
427 O O   . ILE A 58 ? 0.5808 0.6505 0.4114 -0.2491 -0.0074 0.1286  498 ILE A O   
428 C CB  . ILE A 58 ? 0.5459 0.5239 0.3869 -0.1559 -0.0899 0.1674  498 ILE A CB  
429 C CG1 . ILE A 58 ? 0.6130 0.6185 0.3773 -0.2142 -0.0816 0.1771  498 ILE A CG1 
430 C CG2 . ILE A 58 ? 0.4903 0.4859 0.3788 -0.1069 -0.0874 0.1443  498 ILE A CG2 
431 C CD1 . ILE A 58 ? 0.6484 0.6492 0.3842 -0.2192 -0.1178 0.2026  498 ILE A CD1 
432 O OXT . ILE A 58 ? 0.4803 0.5929 0.3882 -0.1756 0.0066  0.0836  498 ILE A OXT 
# 
loop_
_pdbx_poly_seq_scheme.asym_id 
_pdbx_poly_seq_scheme.entity_id 
_pdbx_poly_seq_scheme.seq_id 
_pdbx_poly_seq_scheme.mon_id 
_pdbx_poly_seq_scheme.ndb_seq_num 
_pdbx_poly_seq_scheme.pdb_seq_num 
_pdbx_poly_seq_scheme.auth_seq_num 
_pdbx_poly_seq_scheme.pdb_mon_id 
_pdbx_poly_seq_scheme.auth_mon_id 
_pdbx_poly_seq_scheme.pdb_strand_id 
_pdbx_poly_seq_scheme.pdb_ins_code 
_pdbx_poly_seq_scheme.hetero 
A 1 1  GLY 1  441 ?   ?   ?   A . n 
A 1 2  SER 2  442 ?   ?   ?   A . n 
A 1 3  MET 3  443 ?   ?   ?   A . n 
A 1 4  GLY 4  444 ?   ?   ?   A . n 
A 1 5  TYR 5  445 ?   ?   ?   A . n 
A 1 6  ARG 6  446 446 ARG ARG A . n 
A 1 7  GLY 7  447 447 GLY GLY A . n 
A 1 8  SER 8  448 448 SER ALA A . n 
A 1 9  GLU 9  449 449 GLU GLU A . n 
A 1 10 ASN 10 450 450 ASN ASN A . n 
A 1 11 LEU 11 451 451 LEU LEU A . n 
A 1 12 TYR 12 452 452 TYR TYR A . n 
A 1 13 PHE 13 453 453 PHE PHE A . n 
A 1 14 GLN 14 454 454 GLN GLN A . n 
A 1 15 GLY 15 455 455 GLY GLY A . n 
A 1 16 GLN 16 456 456 GLN GLN A . n 
A 1 17 LEU 17 457 457 LEU LEU A . n 
A 1 18 ASN 18 458 458 ASN ASN A . n 
A 1 19 ALA 19 459 459 ALA ALA A . n 
A 1 20 MET 20 460 460 MET MET A . n 
A 1 21 ALA 21 461 461 ALA ALA A . n 
A 1 22 HIS 22 462 462 HIS HIS A . n 
A 1 23 GLN 23 463 463 GLN GLN A . n 
A 1 24 ILE 24 464 464 ILE ILE A . n 
A 1 25 GLN 25 465 465 GLN GLN A . n 
A 1 26 GLU 26 466 466 GLU GLU A . n 
A 1 27 MET 27 467 467 MET MET A . n 
A 1 28 PHE 28 468 468 PHE PHE A . n 
A 1 29 PRO 29 469 469 PRO PRO A . n 
A 1 30 GLN 30 470 470 GLN GLN A . n 
A 1 31 VAL 31 471 471 VAL VAL A . n 
A 1 32 PRO 32 472 472 PRO PRO A . n 
A 1 33 TYR 33 473 473 TYR TYR A . n 
A 1 34 HIS 34 474 474 HIS HIS A . n 
A 1 35 LEU 35 475 475 LEU LEU A . n 
A 1 36 VAL 36 476 476 VAL VAL A . n 
A 1 37 LEU 37 477 477 LEU LEU A . n 
A 1 38 GLN 38 478 478 GLN GLN A . n 
A 1 39 ASP 39 479 479 ASP ASP A . n 
A 1 40 LEU 40 480 480 LEU LEU A . n 
A 1 41 GLN 41 481 481 GLN GLN A . n 
A 1 42 LEU 42 482 482 LEU LEU A . n 
A 1 43 THR 43 483 483 THR THR A . n 
A 1 44 ARG 44 484 484 ARG ARG A . n 
A 1 45 SER 45 485 485 SER SER A . n 
A 1 46 VAL 46 486 486 VAL VAL A . n 
A 1 47 GLU 47 487 487 GLU GLU A . n 
A 1 48 ILE 48 488 488 ILE ILE A . n 
A 1 49 THR 49 489 489 THR THR A . n 
A 1 50 THR 50 490 490 THR THR A . n 
A 1 51 ASP 51 491 491 ASP ASP A . n 
A 1 52 ASN 52 492 492 ASN ASN A . n 
A 1 53 ILE 53 493 493 ILE ILE A . n 
A 1 54 LEU 54 494 494 LEU LEU A . n 
A 1 55 GLU 55 495 495 GLU GLU A . n 
A 1 56 GLY 56 496 496 GLY GLY A . n 
A 1 57 ARG 57 497 497 ARG ARG A . n 
A 1 58 ILE 58 498 498 ILE ILE A . n 
# 
loop_
_pdbx_nonpoly_scheme.asym_id 
_pdbx_nonpoly_scheme.entity_id 
_pdbx_nonpoly_scheme.mon_id 
_pdbx_nonpoly_scheme.ndb_seq_num 
_pdbx_nonpoly_scheme.pdb_seq_num 
_pdbx_nonpoly_scheme.auth_seq_num 
_pdbx_nonpoly_scheme.pdb_mon_id 
_pdbx_nonpoly_scheme.auth_mon_id 
_pdbx_nonpoly_scheme.pdb_strand_id 
_pdbx_nonpoly_scheme.pdb_ins_code 
B 2 HOH 1  501 1  HOH HOH A . 
B 2 HOH 2  502 2  HOH HOH A . 
B 2 HOH 3  503 3  HOH HOH A . 
B 2 HOH 4  504 4  HOH HOH A . 
B 2 HOH 5  505 5  HOH HOH A . 
B 2 HOH 6  506 6  HOH HOH A . 
B 2 HOH 7  507 7  HOH HOH A . 
B 2 HOH 8  508 8  HOH HOH A . 
B 2 HOH 9  509 9  HOH HOH A . 
B 2 HOH 10 510 10 HOH HOH A . 
B 2 HOH 11 511 11 HOH HOH A . 
B 2 HOH 12 512 12 HOH HOH A . 
B 2 HOH 13 513 13 HOH HOH A . 
B 2 HOH 14 514 14 HOH HOH A . 
B 2 HOH 15 515 15 HOH HOH A . 
B 2 HOH 16 516 16 HOH HOH A . 
B 2 HOH 17 517 17 HOH HOH A . 
B 2 HOH 18 518 18 HOH HOH A . 
B 2 HOH 19 519 19 HOH HOH A . 
B 2 HOH 20 520 20 HOH HOH A . 
B 2 HOH 21 521 21 HOH HOH A . 
B 2 HOH 22 522 22 HOH HOH A . 
B 2 HOH 23 523 23 HOH HOH A . 
B 2 HOH 24 524 24 HOH HOH A . 
B 2 HOH 25 525 25 HOH HOH A . 
B 2 HOH 26 526 26 HOH HOH A . 
B 2 HOH 27 527 27 HOH HOH A . 
B 2 HOH 28 528 29 HOH HOH A . 
B 2 HOH 29 529 30 HOH HOH A . 
B 2 HOH 30 530 31 HOH HOH A . 
B 2 HOH 31 531 32 HOH HOH A . 
B 2 HOH 32 532 33 HOH HOH A . 
B 2 HOH 33 533 35 HOH HOH A . 
B 2 HOH 34 534 36 HOH HOH A . 
B 2 HOH 35 535 37 HOH HOH A . 
B 2 HOH 36 536 39 HOH HOH A . 
B 2 HOH 37 537 40 HOH HOH A . 
B 2 HOH 38 538 43 HOH HOH A . 
B 2 HOH 39 539 45 HOH HOH A . 
B 2 HOH 40 540 56 HOH HOH A . 
B 2 HOH 41 541 57 HOH HOH A . 
B 2 HOH 42 542 58 HOH HOH A . 
B 2 HOH 43 543 59 HOH HOH A . 
B 2 HOH 44 544 60 HOH HOH A . 
B 2 HOH 45 545 61 HOH HOH A . 
B 2 HOH 46 546 63 HOH HOH A . 
B 2 HOH 47 547 65 HOH HOH A . 
B 2 HOH 48 548 66 HOH HOH A . 
B 2 HOH 49 549 67 HOH HOH A . 
B 2 HOH 50 550 68 HOH HOH A . 
B 2 HOH 51 551 69 HOH HOH A . 
B 2 HOH 52 552 70 HOH HOH A . 
B 2 HOH 53 553 71 HOH HOH A . 
# 
_pdbx_struct_assembly.id                   1 
_pdbx_struct_assembly.details              author_and_software_defined_assembly 
_pdbx_struct_assembly.method_details       PISA 
_pdbx_struct_assembly.oligomeric_details   monomeric 
_pdbx_struct_assembly.oligomeric_count     1 
# 
_pdbx_struct_assembly_gen.assembly_id       1 
_pdbx_struct_assembly_gen.oper_expression   1 
_pdbx_struct_assembly_gen.asym_id_list      A,B 
# 
_pdbx_struct_oper_list.id                   1 
_pdbx_struct_oper_list.type                 'identity operation' 
_pdbx_struct_oper_list.name                 1_555 
_pdbx_struct_oper_list.symmetry_operation   x,y,z 
_pdbx_struct_oper_list.matrix[1][1]         1.0000000000 
_pdbx_struct_oper_list.matrix[1][2]         0.0000000000 
_pdbx_struct_oper_list.matrix[1][3]         0.0000000000 
_pdbx_struct_oper_list.vector[1]            0.0000000000 
_pdbx_struct_oper_list.matrix[2][1]         0.0000000000 
_pdbx_struct_oper_list.matrix[2][2]         1.0000000000 
_pdbx_struct_oper_list.matrix[2][3]         0.0000000000 
_pdbx_struct_oper_list.vector[2]            0.0000000000 
_pdbx_struct_oper_list.matrix[3][1]         0.0000000000 
_pdbx_struct_oper_list.matrix[3][2]         0.0000000000 
_pdbx_struct_oper_list.matrix[3][3]         1.0000000000 
_pdbx_struct_oper_list.vector[3]            0.0000000000 
# 
loop_
_pdbx_audit_revision_history.ordinal 
_pdbx_audit_revision_history.data_content_type 
_pdbx_audit_revision_history.major_revision 
_pdbx_audit_revision_history.minor_revision 
_pdbx_audit_revision_history.revision_date 
1 'Structure model' 1 0 2012-07-25 
2 'Structure model' 1 1 2023-09-13 
# 
_pdbx_audit_revision_details.ordinal             1 
_pdbx_audit_revision_details.revision_ordinal    1 
_pdbx_audit_revision_details.data_content_type   'Structure model' 
_pdbx_audit_revision_details.provider            repository 
_pdbx_audit_revision_details.type                'Initial release' 
_pdbx_audit_revision_details.description         ? 
_pdbx_audit_revision_details.details             ? 
# 
loop_
_pdbx_audit_revision_group.ordinal 
_pdbx_audit_revision_group.revision_ordinal 
_pdbx_audit_revision_group.data_content_type 
_pdbx_audit_revision_group.group 
1 2 'Structure model' 'Data collection'        
2 2 'Structure model' 'Database references'    
3 2 'Structure model' 'Refinement description' 
# 
loop_
_pdbx_audit_revision_category.ordinal 
_pdbx_audit_revision_category.revision_ordinal 
_pdbx_audit_revision_category.data_content_type 
_pdbx_audit_revision_category.category 
1 2 'Structure model' chem_comp_atom                
2 2 'Structure model' chem_comp_bond                
3 2 'Structure model' database_2                    
4 2 'Structure model' pdbx_initial_refinement_model 
5 2 'Structure model' struct_ref_seq_dif            
# 
loop_
_pdbx_audit_revision_item.ordinal 
_pdbx_audit_revision_item.revision_ordinal 
_pdbx_audit_revision_item.data_content_type 
_pdbx_audit_revision_item.item 
1 2 'Structure model' '_database_2.pdbx_DOI'                
2 2 'Structure model' '_database_2.pdbx_database_accession' 
3 2 'Structure model' '_struct_ref_seq_dif.details'         
# 
loop_
_pdbx_refine_tls.pdbx_refine_id 
_pdbx_refine_tls.id 
_pdbx_refine_tls.details 
_pdbx_refine_tls.method 
_pdbx_refine_tls.origin_x 
_pdbx_refine_tls.origin_y 
_pdbx_refine_tls.origin_z 
_pdbx_refine_tls.T[1][1] 
_pdbx_refine_tls.T[2][2] 
_pdbx_refine_tls.T[3][3] 
_pdbx_refine_tls.T[1][2] 
_pdbx_refine_tls.T[1][3] 
_pdbx_refine_tls.T[2][3] 
_pdbx_refine_tls.L[1][1] 
_pdbx_refine_tls.L[2][2] 
_pdbx_refine_tls.L[3][3] 
_pdbx_refine_tls.L[1][2] 
_pdbx_refine_tls.L[1][3] 
_pdbx_refine_tls.L[2][3] 
_pdbx_refine_tls.S[1][1] 
_pdbx_refine_tls.S[1][2] 
_pdbx_refine_tls.S[1][3] 
_pdbx_refine_tls.S[2][1] 
_pdbx_refine_tls.S[2][2] 
_pdbx_refine_tls.S[2][3] 
_pdbx_refine_tls.S[3][1] 
_pdbx_refine_tls.S[3][2] 
_pdbx_refine_tls.S[3][3] 
'X-RAY DIFFRACTION' 1 ? refined 5.9658  -3.0010 5.2467   0.0474 0.0486 0.0206 -0.0144 -0.0149 -0.0116 3.3402  8.8594  1.9990 -3.6439 0.4823  -0.9720 0.0199 -0.1109 0.0629  0.1653  0.0318  -0.5181 0.1161  0.1951  -0.0516 
'X-RAY DIFFRACTION' 2 ? refined -5.0672 2.1046  0.8876   0.0497 0.0329 0.0393 -0.0114 0.0130  0.0028  2.7234  2.6278  2.7713 -1.3637 -1.3407 0.0697  0.0547 0.0256  0.2236  -0.0022 0.0401  -0.0078 -0.1785 -0.0535 -0.0948 
'X-RAY DIFFRACTION' 3 ? refined 1.0134  0.4844  -6.7791  0.0637 0.0382 0.0236 -0.0027 0.0154  0.0040  2.1793  4.3495  1.9327 -2.3457 1.5752  -2.3791 0.0135 0.1329  0.0019  -0.1885 -0.0489 -0.0923 0.0546  0.0041  0.0354  
'X-RAY DIFFRACTION' 4 ? refined -7.1448 2.3007  -10.2203 0.0506 0.0460 0.0162 -0.0370 -0.0475 0.0578  12.0286 17.0791 9.0184 10.8061 0.3101  -0.3725 0.1352 -0.4715 -0.6114 -0.1263 -0.0001 -0.0289 0.8821  -0.3858 -0.1351 
# 
loop_
_pdbx_refine_tls_group.pdbx_refine_id 
_pdbx_refine_tls_group.id 
_pdbx_refine_tls_group.refine_tls_id 
_pdbx_refine_tls_group.beg_auth_asym_id 
_pdbx_refine_tls_group.beg_auth_seq_id 
_pdbx_refine_tls_group.beg_label_asym_id 
_pdbx_refine_tls_group.beg_label_seq_id 
_pdbx_refine_tls_group.end_auth_asym_id 
_pdbx_refine_tls_group.end_auth_seq_id 
_pdbx_refine_tls_group.end_label_asym_id 
_pdbx_refine_tls_group.end_label_seq_id 
_pdbx_refine_tls_group.selection 
_pdbx_refine_tls_group.selection_details 
'X-RAY DIFFRACTION' 1 1 A 446 ? ? A 465 ? ? ? ? 
'X-RAY DIFFRACTION' 2 2 A 466 ? ? A 481 ? ? ? ? 
'X-RAY DIFFRACTION' 3 3 A 482 ? ? A 493 ? ? ? ? 
'X-RAY DIFFRACTION' 4 4 A 494 ? ? A 498 ? ? ? ? 
# 
loop_
_software.name 
_software.classification 
_software.version 
_software.citation_id 
_software.pdbx_ordinal 
ADSC     'data collection' Quantum  ? 1 
PHASER   phasing           .        ? 2 
REFMAC   refinement        5.2.0019 ? 3 
HKL-2000 'data reduction'  .        ? 4 
HKL-2000 'data scaling'    .        ? 5 
# 
_pdbx_unobs_or_zero_occ_atoms.id               1 
_pdbx_unobs_or_zero_occ_atoms.PDB_model_num    1 
_pdbx_unobs_or_zero_occ_atoms.polymer_flag     Y 
_pdbx_unobs_or_zero_occ_atoms.occupancy_flag   1 
_pdbx_unobs_or_zero_occ_atoms.auth_asym_id     A 
_pdbx_unobs_or_zero_occ_atoms.auth_comp_id     SER 
_pdbx_unobs_or_zero_occ_atoms.auth_seq_id      448 
_pdbx_unobs_or_zero_occ_atoms.PDB_ins_code     ? 
_pdbx_unobs_or_zero_occ_atoms.auth_atom_id     OG 
_pdbx_unobs_or_zero_occ_atoms.label_alt_id     ? 
_pdbx_unobs_or_zero_occ_atoms.label_asym_id    A 
_pdbx_unobs_or_zero_occ_atoms.label_comp_id    SER 
_pdbx_unobs_or_zero_occ_atoms.label_seq_id     8 
_pdbx_unobs_or_zero_occ_atoms.label_atom_id    OG 
# 
loop_
_pdbx_unobs_or_zero_occ_residues.id 
_pdbx_unobs_or_zero_occ_residues.PDB_model_num 
_pdbx_unobs_or_zero_occ_residues.polymer_flag 
_pdbx_unobs_or_zero_occ_residues.occupancy_flag 
_pdbx_unobs_or_zero_occ_residues.auth_asym_id 
_pdbx_unobs_or_zero_occ_residues.auth_comp_id 
_pdbx_unobs_or_zero_occ_residues.auth_seq_id 
_pdbx_unobs_or_zero_occ_residues.PDB_ins_code 
_pdbx_unobs_or_zero_occ_residues.label_asym_id 
_pdbx_unobs_or_zero_occ_residues.label_comp_id 
_pdbx_unobs_or_zero_occ_residues.label_seq_id 
1 1 Y 1 A GLY 441 ? A GLY 1 
2 1 Y 1 A SER 442 ? A SER 2 
3 1 Y 1 A MET 443 ? A MET 3 
4 1 Y 1 A GLY 444 ? A GLY 4 
5 1 Y 1 A TYR 445 ? A TYR 5 
# 
loop_
_chem_comp_atom.comp_id 
_chem_comp_atom.atom_id 
_chem_comp_atom.type_symbol 
_chem_comp_atom.pdbx_aromatic_flag 
_chem_comp_atom.pdbx_stereo_config 
_chem_comp_atom.pdbx_ordinal 
ALA N    N N N 1   
ALA CA   C N S 2   
ALA C    C N N 3   
ALA O    O N N 4   
ALA CB   C N N 5   
ALA OXT  O N N 6   
ALA H    H N N 7   
ALA H2   H N N 8   
ALA HA   H N N 9   
ALA HB1  H N N 10  
ALA HB2  H N N 11  
ALA HB3  H N N 12  
ALA HXT  H N N 13  
ARG N    N N N 14  
ARG CA   C N S 15  
ARG C    C N N 16  
ARG O    O N N 17  
ARG CB   C N N 18  
ARG CG   C N N 19  
ARG CD   C N N 20  
ARG NE   N N N 21  
ARG CZ   C N N 22  
ARG NH1  N N N 23  
ARG NH2  N N N 24  
ARG OXT  O N N 25  
ARG H    H N N 26  
ARG H2   H N N 27  
ARG HA   H N N 28  
ARG HB2  H N N 29  
ARG HB3  H N N 30  
ARG HG2  H N N 31  
ARG HG3  H N N 32  
ARG HD2  H N N 33  
ARG HD3  H N N 34  
ARG HE   H N N 35  
ARG HH11 H N N 36  
ARG HH12 H N N 37  
ARG HH21 H N N 38  
ARG HH22 H N N 39  
ARG HXT  H N N 40  
ASN N    N N N 41  
ASN CA   C N S 42  
ASN C    C N N 43  
ASN O    O N N 44  
ASN CB   C N N 45  
ASN CG   C N N 46  
ASN OD1  O N N 47  
ASN ND2  N N N 48  
ASN OXT  O N N 49  
ASN H    H N N 50  
ASN H2   H N N 51  
ASN HA   H N N 52  
ASN HB2  H N N 53  
ASN HB3  H N N 54  
ASN HD21 H N N 55  
ASN HD22 H N N 56  
ASN HXT  H N N 57  
ASP N    N N N 58  
ASP CA   C N S 59  
ASP C    C N N 60  
ASP O    O N N 61  
ASP CB   C N N 62  
ASP CG   C N N 63  
ASP OD1  O N N 64  
ASP OD2  O N N 65  
ASP OXT  O N N 66  
ASP H    H N N 67  
ASP H2   H N N 68  
ASP HA   H N N 69  
ASP HB2  H N N 70  
ASP HB3  H N N 71  
ASP HD2  H N N 72  
ASP HXT  H N N 73  
GLN N    N N N 74  
GLN CA   C N S 75  
GLN C    C N N 76  
GLN O    O N N 77  
GLN CB   C N N 78  
GLN CG   C N N 79  
GLN CD   C N N 80  
GLN OE1  O N N 81  
GLN NE2  N N N 82  
GLN OXT  O N N 83  
GLN H    H N N 84  
GLN H2   H N N 85  
GLN HA   H N N 86  
GLN HB2  H N N 87  
GLN HB3  H N N 88  
GLN HG2  H N N 89  
GLN HG3  H N N 90  
GLN HE21 H N N 91  
GLN HE22 H N N 92  
GLN HXT  H N N 93  
GLU N    N N N 94  
GLU CA   C N S 95  
GLU C    C N N 96  
GLU O    O N N 97  
GLU CB   C N N 98  
GLU CG   C N N 99  
GLU CD   C N N 100 
GLU OE1  O N N 101 
GLU OE2  O N N 102 
GLU OXT  O N N 103 
GLU H    H N N 104 
GLU H2   H N N 105 
GLU HA   H N N 106 
GLU HB2  H N N 107 
GLU HB3  H N N 108 
GLU HG2  H N N 109 
GLU HG3  H N N 110 
GLU HE2  H N N 111 
GLU HXT  H N N 112 
GLY N    N N N 113 
GLY CA   C N N 114 
GLY C    C N N 115 
GLY O    O N N 116 
GLY OXT  O N N 117 
GLY H    H N N 118 
GLY H2   H N N 119 
GLY HA2  H N N 120 
GLY HA3  H N N 121 
GLY HXT  H N N 122 
HIS N    N N N 123 
HIS CA   C N S 124 
HIS C    C N N 125 
HIS O    O N N 126 
HIS CB   C N N 127 
HIS CG   C Y N 128 
HIS ND1  N Y N 129 
HIS CD2  C Y N 130 
HIS CE1  C Y N 131 
HIS NE2  N Y N 132 
HIS OXT  O N N 133 
HIS H    H N N 134 
HIS H2   H N N 135 
HIS HA   H N N 136 
HIS HB2  H N N 137 
HIS HB3  H N N 138 
HIS HD1  H N N 139 
HIS HD2  H N N 140 
HIS HE1  H N N 141 
HIS HE2  H N N 142 
HIS HXT  H N N 143 
HOH O    O N N 144 
HOH H1   H N N 145 
HOH H2   H N N 146 
ILE N    N N N 147 
ILE CA   C N S 148 
ILE C    C N N 149 
ILE O    O N N 150 
ILE CB   C N S 151 
ILE CG1  C N N 152 
ILE CG2  C N N 153 
ILE CD1  C N N 154 
ILE OXT  O N N 155 
ILE H    H N N 156 
ILE H2   H N N 157 
ILE HA   H N N 158 
ILE HB   H N N 159 
ILE HG12 H N N 160 
ILE HG13 H N N 161 
ILE HG21 H N N 162 
ILE HG22 H N N 163 
ILE HG23 H N N 164 
ILE HD11 H N N 165 
ILE HD12 H N N 166 
ILE HD13 H N N 167 
ILE HXT  H N N 168 
LEU N    N N N 169 
LEU CA   C N S 170 
LEU C    C N N 171 
LEU O    O N N 172 
LEU CB   C N N 173 
LEU CG   C N N 174 
LEU CD1  C N N 175 
LEU CD2  C N N 176 
LEU OXT  O N N 177 
LEU H    H N N 178 
LEU H2   H N N 179 
LEU HA   H N N 180 
LEU HB2  H N N 181 
LEU HB3  H N N 182 
LEU HG   H N N 183 
LEU HD11 H N N 184 
LEU HD12 H N N 185 
LEU HD13 H N N 186 
LEU HD21 H N N 187 
LEU HD22 H N N 188 
LEU HD23 H N N 189 
LEU HXT  H N N 190 
MET N    N N N 191 
MET CA   C N S 192 
MET C    C N N 193 
MET O    O N N 194 
MET CB   C N N 195 
MET CG   C N N 196 
MET SD   S N N 197 
MET CE   C N N 198 
MET OXT  O N N 199 
MET H    H N N 200 
MET H2   H N N 201 
MET HA   H N N 202 
MET HB2  H N N 203 
MET HB3  H N N 204 
MET HG2  H N N 205 
MET HG3  H N N 206 
MET HE1  H N N 207 
MET HE2  H N N 208 
MET HE3  H N N 209 
MET HXT  H N N 210 
PHE N    N N N 211 
PHE CA   C N S 212 
PHE C    C N N 213 
PHE O    O N N 214 
PHE CB   C N N 215 
PHE CG   C Y N 216 
PHE CD1  C Y N 217 
PHE CD2  C Y N 218 
PHE CE1  C Y N 219 
PHE CE2  C Y N 220 
PHE CZ   C Y N 221 
PHE OXT  O N N 222 
PHE H    H N N 223 
PHE H2   H N N 224 
PHE HA   H N N 225 
PHE HB2  H N N 226 
PHE HB3  H N N 227 
PHE HD1  H N N 228 
PHE HD2  H N N 229 
PHE HE1  H N N 230 
PHE HE2  H N N 231 
PHE HZ   H N N 232 
PHE HXT  H N N 233 
PRO N    N N N 234 
PRO CA   C N S 235 
PRO C    C N N 236 
PRO O    O N N 237 
PRO CB   C N N 238 
PRO CG   C N N 239 
PRO CD   C N N 240 
PRO OXT  O N N 241 
PRO H    H N N 242 
PRO HA   H N N 243 
PRO HB2  H N N 244 
PRO HB3  H N N 245 
PRO HG2  H N N 246 
PRO HG3  H N N 247 
PRO HD2  H N N 248 
PRO HD3  H N N 249 
PRO HXT  H N N 250 
SER N    N N N 251 
SER CA   C N S 252 
SER C    C N N 253 
SER O    O N N 254 
SER CB   C N N 255 
SER OG   O N N 256 
SER OXT  O N N 257 
SER H    H N N 258 
SER H2   H N N 259 
SER HA   H N N 260 
SER HB2  H N N 261 
SER HB3  H N N 262 
SER HG   H N N 263 
SER HXT  H N N 264 
THR N    N N N 265 
THR CA   C N S 266 
THR C    C N N 267 
THR O    O N N 268 
THR CB   C N R 269 
THR OG1  O N N 270 
THR CG2  C N N 271 
THR OXT  O N N 272 
THR H    H N N 273 
THR H2   H N N 274 
THR HA   H N N 275 
THR HB   H N N 276 
THR HG1  H N N 277 
THR HG21 H N N 278 
THR HG22 H N N 279 
THR HG23 H N N 280 
THR HXT  H N N 281 
TYR N    N N N 282 
TYR CA   C N S 283 
TYR C    C N N 284 
TYR O    O N N 285 
TYR CB   C N N 286 
TYR CG   C Y N 287 
TYR CD1  C Y N 288 
TYR CD2  C Y N 289 
TYR CE1  C Y N 290 
TYR CE2  C Y N 291 
TYR CZ   C Y N 292 
TYR OH   O N N 293 
TYR OXT  O N N 294 
TYR H    H N N 295 
TYR H2   H N N 296 
TYR HA   H N N 297 
TYR HB2  H N N 298 
TYR HB3  H N N 299 
TYR HD1  H N N 300 
TYR HD2  H N N 301 
TYR HE1  H N N 302 
TYR HE2  H N N 303 
TYR HH   H N N 304 
TYR HXT  H N N 305 
VAL N    N N N 306 
VAL CA   C N S 307 
VAL C    C N N 308 
VAL O    O N N 309 
VAL CB   C N N 310 
VAL CG1  C N N 311 
VAL CG2  C N N 312 
VAL OXT  O N N 313 
VAL H    H N N 314 
VAL H2   H N N 315 
VAL HA   H N N 316 
VAL HB   H N N 317 
VAL HG11 H N N 318 
VAL HG12 H N N 319 
VAL HG13 H N N 320 
VAL HG21 H N N 321 
VAL HG22 H N N 322 
VAL HG23 H N N 323 
VAL HXT  H N N 324 
# 
loop_
_chem_comp_bond.comp_id 
_chem_comp_bond.atom_id_1 
_chem_comp_bond.atom_id_2 
_chem_comp_bond.value_order 
_chem_comp_bond.pdbx_aromatic_flag 
_chem_comp_bond.pdbx_stereo_config 
_chem_comp_bond.pdbx_ordinal 
ALA N   CA   sing N N 1   
ALA N   H    sing N N 2   
ALA N   H2   sing N N 3   
ALA CA  C    sing N N 4   
ALA CA  CB   sing N N 5   
ALA CA  HA   sing N N 6   
ALA C   O    doub N N 7   
ALA C   OXT  sing N N 8   
ALA CB  HB1  sing N N 9   
ALA CB  HB2  sing N N 10  
ALA CB  HB3  sing N N 11  
ALA OXT HXT  sing N N 12  
ARG N   CA   sing N N 13  
ARG N   H    sing N N 14  
ARG N   H2   sing N N 15  
ARG CA  C    sing N N 16  
ARG CA  CB   sing N N 17  
ARG CA  HA   sing N N 18  
ARG C   O    doub N N 19  
ARG C   OXT  sing N N 20  
ARG CB  CG   sing N N 21  
ARG CB  HB2  sing N N 22  
ARG CB  HB3  sing N N 23  
ARG CG  CD   sing N N 24  
ARG CG  HG2  sing N N 25  
ARG CG  HG3  sing N N 26  
ARG CD  NE   sing N N 27  
ARG CD  HD2  sing N N 28  
ARG CD  HD3  sing N N 29  
ARG NE  CZ   sing N N 30  
ARG NE  HE   sing N N 31  
ARG CZ  NH1  sing N N 32  
ARG CZ  NH2  doub N N 33  
ARG NH1 HH11 sing N N 34  
ARG NH1 HH12 sing N N 35  
ARG NH2 HH21 sing N N 36  
ARG NH2 HH22 sing N N 37  
ARG OXT HXT  sing N N 38  
ASN N   CA   sing N N 39  
ASN N   H    sing N N 40  
ASN N   H2   sing N N 41  
ASN CA  C    sing N N 42  
ASN CA  CB   sing N N 43  
ASN CA  HA   sing N N 44  
ASN C   O    doub N N 45  
ASN C   OXT  sing N N 46  
ASN CB  CG   sing N N 47  
ASN CB  HB2  sing N N 48  
ASN CB  HB3  sing N N 49  
ASN CG  OD1  doub N N 50  
ASN CG  ND2  sing N N 51  
ASN ND2 HD21 sing N N 52  
ASN ND2 HD22 sing N N 53  
ASN OXT HXT  sing N N 54  
ASP N   CA   sing N N 55  
ASP N   H    sing N N 56  
ASP N   H2   sing N N 57  
ASP CA  C    sing N N 58  
ASP CA  CB   sing N N 59  
ASP CA  HA   sing N N 60  
ASP C   O    doub N N 61  
ASP C   OXT  sing N N 62  
ASP CB  CG   sing N N 63  
ASP CB  HB2  sing N N 64  
ASP CB  HB3  sing N N 65  
ASP CG  OD1  doub N N 66  
ASP CG  OD2  sing N N 67  
ASP OD2 HD2  sing N N 68  
ASP OXT HXT  sing N N 69  
GLN N   CA   sing N N 70  
GLN N   H    sing N N 71  
GLN N   H2   sing N N 72  
GLN CA  C    sing N N 73  
GLN CA  CB   sing N N 74  
GLN CA  HA   sing N N 75  
GLN C   O    doub N N 76  
GLN C   OXT  sing N N 77  
GLN CB  CG   sing N N 78  
GLN CB  HB2  sing N N 79  
GLN CB  HB3  sing N N 80  
GLN CG  CD   sing N N 81  
GLN CG  HG2  sing N N 82  
GLN CG  HG3  sing N N 83  
GLN CD  OE1  doub N N 84  
GLN CD  NE2  sing N N 85  
GLN NE2 HE21 sing N N 86  
GLN NE2 HE22 sing N N 87  
GLN OXT HXT  sing N N 88  
GLU N   CA   sing N N 89  
GLU N   H    sing N N 90  
GLU N   H2   sing N N 91  
GLU CA  C    sing N N 92  
GLU CA  CB   sing N N 93  
GLU CA  HA   sing N N 94  
GLU C   O    doub N N 95  
GLU C   OXT  sing N N 96  
GLU CB  CG   sing N N 97  
GLU CB  HB2  sing N N 98  
GLU CB  HB3  sing N N 99  
GLU CG  CD   sing N N 100 
GLU CG  HG2  sing N N 101 
GLU CG  HG3  sing N N 102 
GLU CD  OE1  doub N N 103 
GLU CD  OE2  sing N N 104 
GLU OE2 HE2  sing N N 105 
GLU OXT HXT  sing N N 106 
GLY N   CA   sing N N 107 
GLY N   H    sing N N 108 
GLY N   H2   sing N N 109 
GLY CA  C    sing N N 110 
GLY CA  HA2  sing N N 111 
GLY CA  HA3  sing N N 112 
GLY C   O    doub N N 113 
GLY C   OXT  sing N N 114 
GLY OXT HXT  sing N N 115 
HIS N   CA   sing N N 116 
HIS N   H    sing N N 117 
HIS N   H2   sing N N 118 
HIS CA  C    sing N N 119 
HIS CA  CB   sing N N 120 
HIS CA  HA   sing N N 121 
HIS C   O    doub N N 122 
HIS C   OXT  sing N N 123 
HIS CB  CG   sing N N 124 
HIS CB  HB2  sing N N 125 
HIS CB  HB3  sing N N 126 
HIS CG  ND1  sing Y N 127 
HIS CG  CD2  doub Y N 128 
HIS ND1 CE1  doub Y N 129 
HIS ND1 HD1  sing N N 130 
HIS CD2 NE2  sing Y N 131 
HIS CD2 HD2  sing N N 132 
HIS CE1 NE2  sing Y N 133 
HIS CE1 HE1  sing N N 134 
HIS NE2 HE2  sing N N 135 
HIS OXT HXT  sing N N 136 
HOH O   H1   sing N N 137 
HOH O   H2   sing N N 138 
ILE N   CA   sing N N 139 
ILE N   H    sing N N 140 
ILE N   H2   sing N N 141 
ILE CA  C    sing N N 142 
ILE CA  CB   sing N N 143 
ILE CA  HA   sing N N 144 
ILE C   O    doub N N 145 
ILE C   OXT  sing N N 146 
ILE CB  CG1  sing N N 147 
ILE CB  CG2  sing N N 148 
ILE CB  HB   sing N N 149 
ILE CG1 CD1  sing N N 150 
ILE CG1 HG12 sing N N 151 
ILE CG1 HG13 sing N N 152 
ILE CG2 HG21 sing N N 153 
ILE CG2 HG22 sing N N 154 
ILE CG2 HG23 sing N N 155 
ILE CD1 HD11 sing N N 156 
ILE CD1 HD12 sing N N 157 
ILE CD1 HD13 sing N N 158 
ILE OXT HXT  sing N N 159 
LEU N   CA   sing N N 160 
LEU N   H    sing N N 161 
LEU N   H2   sing N N 162 
LEU CA  C    sing N N 163 
LEU CA  CB   sing N N 164 
LEU CA  HA   sing N N 165 
LEU C   O    doub N N 166 
LEU C   OXT  sing N N 167 
LEU CB  CG   sing N N 168 
LEU CB  HB2  sing N N 169 
LEU CB  HB3  sing N N 170 
LEU CG  CD1  sing N N 171 
LEU CG  CD2  sing N N 172 
LEU CG  HG   sing N N 173 
LEU CD1 HD11 sing N N 174 
LEU CD1 HD12 sing N N 175 
LEU CD1 HD13 sing N N 176 
LEU CD2 HD21 sing N N 177 
LEU CD2 HD22 sing N N 178 
LEU CD2 HD23 sing N N 179 
LEU OXT HXT  sing N N 180 
MET N   CA   sing N N 181 
MET N   H    sing N N 182 
MET N   H2   sing N N 183 
MET CA  C    sing N N 184 
MET CA  CB   sing N N 185 
MET CA  HA   sing N N 186 
MET C   O    doub N N 187 
MET C   OXT  sing N N 188 
MET CB  CG   sing N N 189 
MET CB  HB2  sing N N 190 
MET CB  HB3  sing N N 191 
MET CG  SD   sing N N 192 
MET CG  HG2  sing N N 193 
MET CG  HG3  sing N N 194 
MET SD  CE   sing N N 195 
MET CE  HE1  sing N N 196 
MET CE  HE2  sing N N 197 
MET CE  HE3  sing N N 198 
MET OXT HXT  sing N N 199 
PHE N   CA   sing N N 200 
PHE N   H    sing N N 201 
PHE N   H2   sing N N 202 
PHE CA  C    sing N N 203 
PHE CA  CB   sing N N 204 
PHE CA  HA   sing N N 205 
PHE C   O    doub N N 206 
PHE C   OXT  sing N N 207 
PHE CB  CG   sing N N 208 
PHE CB  HB2  sing N N 209 
PHE CB  HB3  sing N N 210 
PHE CG  CD1  doub Y N 211 
PHE CG  CD2  sing Y N 212 
PHE CD1 CE1  sing Y N 213 
PHE CD1 HD1  sing N N 214 
PHE CD2 CE2  doub Y N 215 
PHE CD2 HD2  sing N N 216 
PHE CE1 CZ   doub Y N 217 
PHE CE1 HE1  sing N N 218 
PHE CE2 CZ   sing Y N 219 
PHE CE2 HE2  sing N N 220 
PHE CZ  HZ   sing N N 221 
PHE OXT HXT  sing N N 222 
PRO N   CA   sing N N 223 
PRO N   CD   sing N N 224 
PRO N   H    sing N N 225 
PRO CA  C    sing N N 226 
PRO CA  CB   sing N N 227 
PRO CA  HA   sing N N 228 
PRO C   O    doub N N 229 
PRO C   OXT  sing N N 230 
PRO CB  CG   sing N N 231 
PRO CB  HB2  sing N N 232 
PRO CB  HB3  sing N N 233 
PRO CG  CD   sing N N 234 
PRO CG  HG2  sing N N 235 
PRO CG  HG3  sing N N 236 
PRO CD  HD2  sing N N 237 
PRO CD  HD3  sing N N 238 
PRO OXT HXT  sing N N 239 
SER N   CA   sing N N 240 
SER N   H    sing N N 241 
SER N   H2   sing N N 242 
SER CA  C    sing N N 243 
SER CA  CB   sing N N 244 
SER CA  HA   sing N N 245 
SER C   O    doub N N 246 
SER C   OXT  sing N N 247 
SER CB  OG   sing N N 248 
SER CB  HB2  sing N N 249 
SER CB  HB3  sing N N 250 
SER OG  HG   sing N N 251 
SER OXT HXT  sing N N 252 
THR N   CA   sing N N 253 
THR N   H    sing N N 254 
THR N   H2   sing N N 255 
THR CA  C    sing N N 256 
THR CA  CB   sing N N 257 
THR CA  HA   sing N N 258 
THR C   O    doub N N 259 
THR C   OXT  sing N N 260 
THR CB  OG1  sing N N 261 
THR CB  CG2  sing N N 262 
THR CB  HB   sing N N 263 
THR OG1 HG1  sing N N 264 
THR CG2 HG21 sing N N 265 
THR CG2 HG22 sing N N 266 
THR CG2 HG23 sing N N 267 
THR OXT HXT  sing N N 268 
TYR N   CA   sing N N 269 
TYR N   H    sing N N 270 
TYR N   H2   sing N N 271 
TYR CA  C    sing N N 272 
TYR CA  CB   sing N N 273 
TYR CA  HA   sing N N 274 
TYR C   O    doub N N 275 
TYR C   OXT  sing N N 276 
TYR CB  CG   sing N N 277 
TYR CB  HB2  sing N N 278 
TYR CB  HB3  sing N N 279 
TYR CG  CD1  doub Y N 280 
TYR CG  CD2  sing Y N 281 
TYR CD1 CE1  sing Y N 282 
TYR CD1 HD1  sing N N 283 
TYR CD2 CE2  doub Y N 284 
TYR CD2 HD2  sing N N 285 
TYR CE1 CZ   doub Y N 286 
TYR CE1 HE1  sing N N 287 
TYR CE2 CZ   sing Y N 288 
TYR CE2 HE2  sing N N 289 
TYR CZ  OH   sing N N 290 
TYR OH  HH   sing N N 291 
TYR OXT HXT  sing N N 292 
VAL N   CA   sing N N 293 
VAL N   H    sing N N 294 
VAL N   H2   sing N N 295 
VAL CA  C    sing N N 296 
VAL CA  CB   sing N N 297 
VAL CA  HA   sing N N 298 
VAL C   O    doub N N 299 
VAL C   OXT  sing N N 300 
VAL CB  CG1  sing N N 301 
VAL CB  CG2  sing N N 302 
VAL CB  HB   sing N N 303 
VAL CG1 HG11 sing N N 304 
VAL CG1 HG12 sing N N 305 
VAL CG1 HG13 sing N N 306 
VAL CG2 HG21 sing N N 307 
VAL CG2 HG22 sing N N 308 
VAL CG2 HG23 sing N N 309 
VAL OXT HXT  sing N N 310 
# 
_pdbx_entity_nonpoly.entity_id   2 
_pdbx_entity_nonpoly.name        water 
_pdbx_entity_nonpoly.comp_id     HOH 
# 
_pdbx_initial_refinement_model.id               1 
_pdbx_initial_refinement_model.entity_id_list   ? 
_pdbx_initial_refinement_model.type             'experimental model' 
_pdbx_initial_refinement_model.source_name      PDB 
_pdbx_initial_refinement_model.accession_code   2EJS 
_pdbx_initial_refinement_model.details          ? 
# 
